data_7WBK
#
_entry.id   7WBK
#
_cell.length_a   117.131
_cell.length_b   93.551
_cell.length_c   108.746
_cell.angle_alpha   90.000
_cell.angle_beta   104.554
_cell.angle_gamma   90.000
#
_symmetry.space_group_name_H-M   'C 1 2 1'
#
loop_
_entity.id
_entity.type
_entity.pdbx_description
1 polymer Lpg0081
2 non-polymer 'SULFATE ION'
3 water water
#
_entity_poly.entity_id   1
_entity_poly.type   'polypeptide(L)'
_entity_poly.pdbx_seq_one_letter_code
;(MSE)KAIPPKIWFETQLKGSGLDKKFQIDELIETQSSVRVFANKKYLPDTETINEALTKVTAVNVSGDKSGYFQNGLPF
PNEAGYFEKIPVGHPELLSPIERLTGSKKIVSSHSLVTASGGYPLTNPLLPYRKPIRVSIFSLAGPSFENNYLHYRLFLL
DSVQKIIDSPLFSHLHDGLPIQFDEAKKELGEYDTNKL(MSE)ARIRLGFPYLARFSSGGFYPSFSKSNAIIFLSEAYFR
YQLEDVSLLLASVNQTGKETGKAALLKATAVG(MSE)GFFAKIDCGYDIQHIIFPYYLRAYKKLLSEHKFPWIAKIEFPI
FNEIQQEQFDSIFEDYDGPTKVYRSTRDVLEFREEEIEKYLPAAINPSDAFALTGNEWGYGSVES(MSE)IGNNSSIRFD
QVHH(MSE)NPLILDPSHHVEAQINKDHGVELTVN
;
_entity_poly.pdbx_strand_id   A,B
#
# COMPACT_ATOMS: atom_id res chain seq x y z
N LYS A 2 -17.59 -9.88 -17.95
CA LYS A 2 -17.20 -11.28 -17.99
C LYS A 2 -16.30 -11.61 -16.81
N ALA A 3 -16.39 -12.86 -16.34
CA ALA A 3 -15.60 -13.32 -15.22
C ALA A 3 -14.12 -13.35 -15.56
N ILE A 4 -13.30 -12.82 -14.65
CA ILE A 4 -11.84 -12.76 -14.74
C ILE A 4 -11.28 -13.89 -13.89
N PRO A 5 -10.25 -14.60 -14.31
CA PRO A 5 -9.60 -15.60 -13.44
C PRO A 5 -9.10 -14.96 -12.15
N PRO A 6 -9.35 -15.61 -11.00
CA PRO A 6 -9.21 -14.90 -9.71
C PRO A 6 -7.82 -14.34 -9.45
N LYS A 7 -6.76 -15.08 -9.74
CA LYS A 7 -5.43 -14.53 -9.49
C LYS A 7 -5.19 -13.27 -10.31
N ILE A 8 -5.79 -13.17 -11.49
CA ILE A 8 -5.55 -11.99 -12.30
C ILE A 8 -6.39 -10.82 -11.80
N TRP A 9 -7.62 -11.08 -11.36
CA TRP A 9 -8.41 -10.02 -10.72
C TRP A 9 -7.65 -9.44 -9.54
N PHE A 10 -7.07 -10.30 -8.72
CA PHE A 10 -6.40 -9.79 -7.54
C PHE A 10 -5.23 -8.91 -7.91
N GLU A 11 -4.40 -9.34 -8.87
CA GLU A 11 -3.25 -8.54 -9.26
C GLU A 11 -3.68 -7.22 -9.87
N THR A 12 -4.81 -7.22 -10.57
CA THR A 12 -5.31 -5.98 -11.14
C THR A 12 -5.62 -4.98 -10.02
N GLN A 13 -6.32 -5.45 -8.99
CA GLN A 13 -6.68 -4.59 -7.87
C GLN A 13 -5.44 -4.01 -7.20
N LEU A 14 -4.41 -4.84 -6.98
CA LEU A 14 -3.14 -4.36 -6.44
C LEU A 14 -2.53 -3.27 -7.32
N LYS A 15 -2.62 -3.43 -8.65
CA LYS A 15 -2.00 -2.43 -9.50
C LYS A 15 -2.85 -1.17 -9.61
N GLY A 16 -4.18 -1.29 -9.57
CA GLY A 16 -5.03 -0.12 -9.61
C GLY A 16 -5.05 0.69 -8.34
N SER A 17 -4.67 0.10 -7.21
CA SER A 17 -4.67 0.79 -5.91
C SER A 17 -3.32 1.37 -5.54
N GLY A 18 -2.25 0.88 -6.16
CA GLY A 18 -0.90 1.33 -5.88
C GLY A 18 -0.14 0.49 -4.90
N LEU A 19 -0.75 -0.57 -4.36
CA LEU A 19 -0.14 -1.31 -3.25
C LEU A 19 1.06 -2.12 -3.71
N ASP A 20 1.10 -2.54 -4.99
CA ASP A 20 2.24 -3.30 -5.49
C ASP A 20 3.54 -2.51 -5.50
N LYS A 21 3.46 -1.18 -5.52
CA LYS A 21 4.65 -0.34 -5.56
C LYS A 21 5.12 0.12 -4.18
N LYS A 22 4.55 -0.44 -3.10
CA LYS A 22 4.75 0.11 -1.75
C LYS A 22 5.70 -0.71 -0.89
N PHE A 23 5.99 -1.95 -1.29
CA PHE A 23 6.91 -2.81 -0.58
C PHE A 23 7.85 -3.45 -1.60
N GLN A 24 9.12 -3.62 -1.23
CA GLN A 24 10.09 -4.11 -2.20
C GLN A 24 10.26 -5.62 -2.04
N ILE A 25 10.94 -6.22 -3.02
CA ILE A 25 10.77 -7.66 -3.18
C ILE A 25 11.65 -8.46 -2.21
N ASP A 26 12.65 -7.84 -1.61
CA ASP A 26 13.38 -8.50 -0.53
C ASP A 26 12.62 -8.44 0.78
N GLU A 27 11.91 -7.34 1.01
CA GLU A 27 11.12 -7.19 2.24
C GLU A 27 9.91 -8.12 2.25
N LEU A 28 9.32 -8.40 1.09
CA LEU A 28 8.11 -9.22 1.08
C LEU A 28 8.39 -10.71 1.09
N ILE A 29 9.57 -11.16 0.65
CA ILE A 29 9.81 -12.59 0.80
C ILE A 29 9.96 -12.93 2.26
N GLU A 30 10.49 -12.00 3.07
CA GLU A 30 10.58 -12.22 4.51
C GLU A 30 9.19 -12.26 5.14
N THR A 31 8.38 -11.23 4.91
CA THR A 31 7.04 -11.17 5.51
C THR A 31 6.19 -12.37 5.07
N GLN A 32 6.26 -12.78 3.79
CA GLN A 32 5.44 -13.91 3.38
C GLN A 32 5.85 -15.20 4.08
N SER A 33 7.11 -15.30 4.48
CA SER A 33 7.55 -16.53 5.14
C SER A 33 7.07 -16.61 6.58
N SER A 34 6.66 -15.51 7.17
CA SER A 34 6.19 -15.53 8.55
C SER A 34 4.73 -15.96 8.69
N VAL A 35 4.02 -16.28 7.61
CA VAL A 35 2.60 -16.55 7.74
C VAL A 35 2.41 -17.87 8.48
N ARG A 36 1.43 -17.89 9.38
CA ARG A 36 1.06 -19.08 10.11
C ARG A 36 -0.45 -19.14 10.17
N VAL A 37 -0.98 -20.35 10.18
CA VAL A 37 -2.42 -20.56 10.32
C VAL A 37 -2.61 -21.46 11.52
N PHE A 38 -3.19 -20.90 12.57
CA PHE A 38 -3.50 -21.62 13.79
C PHE A 38 -4.93 -22.09 13.70
N ALA A 39 -5.14 -23.39 13.69
CA ALA A 39 -6.45 -23.94 13.41
C ALA A 39 -6.87 -24.82 14.58
N ASN A 40 -8.02 -24.51 15.17
CA ASN A 40 -8.59 -25.36 16.19
C ASN A 40 -8.98 -26.71 15.58
N LYS A 41 -8.36 -27.81 16.05
CA LYS A 41 -8.51 -29.11 15.39
C LYS A 41 -9.90 -29.69 15.57
N LYS A 42 -10.66 -29.25 16.57
CA LYS A 42 -12.03 -29.70 16.74
C LYS A 42 -12.89 -29.33 15.53
N TYR A 43 -12.57 -28.22 14.86
CA TYR A 43 -13.38 -27.69 13.78
C TYR A 43 -12.71 -27.71 12.41
N LEU A 44 -11.37 -27.66 12.36
CA LEU A 44 -10.63 -27.75 11.10
C LEU A 44 -9.65 -28.91 11.25
N PRO A 45 -10.13 -30.15 11.09
CA PRO A 45 -9.35 -31.32 11.51
C PRO A 45 -8.22 -31.71 10.59
N ASP A 46 -8.18 -31.25 9.34
CA ASP A 46 -7.16 -31.70 8.39
C ASP A 46 -6.80 -30.57 7.44
N THR A 47 -5.73 -30.78 6.66
CA THR A 47 -5.26 -29.77 5.70
C THR A 47 -6.31 -29.39 4.67
N GLU A 48 -7.17 -30.32 4.26
CA GLU A 48 -8.10 -30.01 3.19
C GLU A 48 -9.19 -29.05 3.67
N THR A 49 -9.67 -29.25 4.91
CA THR A 49 -10.60 -28.30 5.50
C THR A 49 -9.97 -26.92 5.66
N ILE A 50 -8.72 -26.86 6.14
CA ILE A 50 -8.07 -25.57 6.39
C ILE A 50 -7.95 -24.78 5.09
N ASN A 51 -7.43 -25.41 4.03
CA ASN A 51 -7.28 -24.70 2.77
C ASN A 51 -8.64 -24.32 2.19
N GLU A 52 -9.67 -25.14 2.41
CA GLU A 52 -11.00 -24.77 1.96
C GLU A 52 -11.47 -23.50 2.66
N ALA A 53 -11.27 -23.42 3.98
CA ALA A 53 -11.65 -22.22 4.73
C ALA A 53 -10.86 -20.98 4.30
N LEU A 54 -9.66 -21.15 3.76
CA LEU A 54 -8.86 -19.99 3.39
C LEU A 54 -9.14 -19.50 1.98
N THR A 55 -9.74 -20.33 1.12
CA THR A 55 -9.86 -19.99 -0.29
C THR A 55 -11.30 -19.87 -0.79
N LYS A 56 -12.25 -20.64 -0.22
CA LYS A 56 -13.62 -20.70 -0.70
C LYS A 56 -14.45 -19.54 -0.16
N VAL A 57 -14.02 -18.32 -0.53
CA VAL A 57 -14.56 -17.09 0.02
C VAL A 57 -14.79 -16.10 -1.12
N THR A 58 -15.51 -15.02 -0.80
CA THR A 58 -15.68 -13.94 -1.75
C THR A 58 -14.44 -13.04 -1.74
N ALA A 59 -14.40 -12.11 -2.68
CA ALA A 59 -13.28 -11.18 -2.67
C ALA A 59 -13.54 -10.02 -1.73
N VAL A 60 -14.70 -9.38 -1.85
CA VAL A 60 -15.07 -8.23 -1.04
C VAL A 60 -16.48 -8.46 -0.53
N ASN A 61 -16.67 -8.30 0.77
CA ASN A 61 -17.95 -8.46 1.45
C ASN A 61 -18.22 -7.19 2.24
N VAL A 62 -19.01 -6.26 1.69
CA VAL A 62 -19.13 -4.91 2.24
C VAL A 62 -19.81 -4.93 3.61
N SER A 63 -19.39 -3.99 4.47
CA SER A 63 -19.71 -3.99 5.90
C SER A 63 -21.14 -3.53 6.15
N GLY A 64 -21.54 -2.38 5.61
CA GLY A 64 -22.91 -1.91 5.69
C GLY A 64 -23.93 -2.65 4.83
N ASP A 65 -23.77 -2.57 3.50
CA ASP A 65 -24.68 -3.16 2.53
C ASP A 65 -24.65 -4.69 2.60
N LYS A 66 -25.44 -5.30 1.72
CA LYS A 66 -25.26 -6.68 1.32
C LYS A 66 -24.56 -6.78 -0.03
N SER A 67 -23.73 -5.79 -0.34
CA SER A 67 -22.95 -5.68 -1.56
C SER A 67 -21.63 -6.45 -1.47
N GLY A 68 -21.00 -6.65 -2.61
CA GLY A 68 -19.68 -7.25 -2.64
C GLY A 68 -19.32 -7.75 -4.03
N TYR A 69 -18.16 -8.39 -4.11
CA TYR A 69 -17.60 -8.93 -5.34
C TYR A 69 -17.09 -10.35 -5.12
N PHE A 70 -17.37 -11.22 -6.08
CA PHE A 70 -16.75 -12.54 -6.05
C PHE A 70 -15.30 -12.44 -6.48
N GLN A 71 -14.57 -13.53 -6.27
CA GLN A 71 -13.14 -13.55 -6.58
C GLN A 71 -12.87 -13.36 -8.05
N ASN A 72 -13.85 -13.67 -8.92
CA ASN A 72 -13.71 -13.52 -10.35
C ASN A 72 -14.11 -12.14 -10.86
N GLY A 73 -14.50 -11.23 -9.98
CA GLY A 73 -14.78 -9.86 -10.33
C GLY A 73 -16.24 -9.48 -10.36
N LEU A 74 -17.14 -10.44 -10.54
CA LEU A 74 -18.54 -10.10 -10.77
C LEU A 74 -19.23 -9.71 -9.47
N PRO A 75 -20.29 -8.91 -9.55
CA PRO A 75 -20.94 -8.42 -8.34
C PRO A 75 -21.82 -9.50 -7.73
N PHE A 76 -22.19 -9.28 -6.49
CA PHE A 76 -23.12 -10.17 -5.86
C PHE A 76 -24.46 -10.08 -6.59
N PRO A 77 -25.23 -11.17 -6.68
CA PRO A 77 -26.58 -11.05 -7.24
C PRO A 77 -27.39 -10.14 -6.34
N ASN A 78 -28.50 -9.61 -6.86
CA ASN A 78 -29.46 -9.01 -5.94
C ASN A 78 -30.66 -9.93 -5.69
N GLU A 79 -30.48 -11.22 -5.89
CA GLU A 79 -31.38 -12.18 -5.29
C GLU A 79 -31.11 -12.24 -3.78
N ALA A 80 -32.17 -12.11 -2.98
CA ALA A 80 -32.06 -12.37 -1.56
C ALA A 80 -32.14 -13.86 -1.28
N GLY A 81 -31.40 -14.28 -0.25
CA GLY A 81 -31.33 -15.67 0.13
C GLY A 81 -30.21 -16.47 -0.50
N TYR A 82 -29.57 -15.92 -1.55
CA TYR A 82 -28.50 -16.64 -2.26
C TYR A 82 -27.45 -17.21 -1.32
N PHE A 83 -26.93 -16.40 -0.38
CA PHE A 83 -25.85 -16.89 0.48
C PHE A 83 -26.35 -17.84 1.56
N GLU A 84 -27.60 -17.71 1.98
CA GLU A 84 -28.11 -18.65 2.98
C GLU A 84 -28.32 -20.03 2.38
N LYS A 85 -28.51 -20.11 1.06
CA LYS A 85 -28.73 -21.38 0.38
C LYS A 85 -27.46 -21.93 -0.27
N ILE A 86 -26.28 -21.47 0.12
CA ILE A 86 -25.10 -22.16 -0.39
C ILE A 86 -24.97 -23.52 0.29
N PRO A 87 -24.83 -24.61 -0.47
CA PRO A 87 -24.75 -25.94 0.15
C PRO A 87 -23.32 -26.31 0.53
N VAL A 88 -23.23 -27.17 1.54
CA VAL A 88 -21.95 -27.81 1.83
C VAL A 88 -21.47 -28.51 0.58
N GLY A 89 -20.22 -28.27 0.19
CA GLY A 89 -19.69 -28.89 -1.01
C GLY A 89 -19.79 -28.05 -2.26
N HIS A 90 -20.40 -26.86 -2.21
CA HIS A 90 -20.36 -25.90 -3.31
C HIS A 90 -18.95 -25.79 -3.86
N PRO A 91 -18.77 -25.59 -5.17
CA PRO A 91 -17.40 -25.61 -5.69
C PRO A 91 -16.59 -24.40 -5.28
N GLU A 92 -17.21 -23.23 -5.10
CA GLU A 92 -16.44 -22.02 -4.87
C GLU A 92 -16.65 -21.35 -3.52
N LEU A 93 -17.72 -21.65 -2.80
CA LEU A 93 -18.15 -20.84 -1.66
C LEU A 93 -18.53 -21.72 -0.48
N LEU A 94 -18.23 -21.21 0.71
CA LEU A 94 -18.54 -21.91 1.95
C LEU A 94 -20.01 -21.74 2.29
N SER A 95 -20.65 -22.87 2.61
CA SER A 95 -21.87 -23.08 3.37
C SER A 95 -21.95 -22.21 4.62
N PRO A 96 -23.13 -21.80 5.05
CA PRO A 96 -23.24 -21.20 6.40
C PRO A 96 -22.55 -22.01 7.50
N ILE A 97 -22.74 -23.33 7.58
CA ILE A 97 -22.10 -24.05 8.69
C ILE A 97 -20.59 -24.05 8.51
N GLU A 98 -20.12 -24.12 7.26
CA GLU A 98 -18.68 -24.04 7.01
C GLU A 98 -18.12 -22.66 7.36
N ARG A 99 -18.94 -21.61 7.27
CA ARG A 99 -18.50 -20.30 7.69
C ARG A 99 -18.38 -20.21 9.21
N LEU A 100 -19.24 -20.92 9.96
CA LEU A 100 -19.10 -20.98 11.41
C LEU A 100 -17.83 -21.72 11.82
N THR A 101 -17.62 -22.92 11.29
CA THR A 101 -16.42 -23.67 11.64
C THR A 101 -15.17 -23.05 11.02
N GLY A 102 -15.30 -22.43 9.85
CA GLY A 102 -14.14 -21.81 9.25
C GLY A 102 -13.62 -20.60 9.99
N SER A 103 -14.46 -19.94 10.78
CA SER A 103 -14.01 -18.81 11.57
C SER A 103 -13.15 -19.21 12.76
N LYS A 104 -12.99 -20.51 13.04
CA LYS A 104 -12.22 -20.97 14.21
C LYS A 104 -10.76 -21.18 13.86
N LYS A 105 -10.21 -20.27 13.06
CA LYS A 105 -8.79 -20.23 12.72
C LYS A 105 -8.28 -18.82 13.00
N ILE A 106 -6.96 -18.68 12.96
CA ILE A 106 -6.31 -17.38 13.06
C ILE A 106 -5.15 -17.37 12.08
N VAL A 107 -5.07 -16.34 11.24
CA VAL A 107 -3.98 -16.20 10.28
C VAL A 107 -3.12 -15.03 10.72
N SER A 108 -1.83 -15.30 10.95
CA SER A 108 -0.90 -14.31 11.45
C SER A 108 0.20 -14.10 10.41
N SER A 109 0.78 -12.91 10.42
CA SER A 109 1.94 -12.65 9.58
C SER A 109 2.70 -11.49 10.20
N HIS A 110 4.02 -11.50 10.05
CA HIS A 110 4.83 -10.42 10.61
C HIS A 110 5.04 -9.42 9.47
N SER A 111 4.00 -8.64 9.23
CA SER A 111 3.85 -7.82 8.04
C SER A 111 4.44 -6.43 8.20
N LEU A 112 4.77 -5.81 7.09
CA LEU A 112 5.23 -4.42 7.08
C LEU A 112 4.06 -3.47 7.22
N VAL A 113 4.28 -2.35 7.91
CA VAL A 113 3.24 -1.37 8.17
C VAL A 113 3.78 0.01 7.84
N THR A 114 3.15 0.69 6.89
CA THR A 114 3.65 1.97 6.41
C THR A 114 2.94 3.17 7.03
N ALA A 115 1.76 2.99 7.59
CA ALA A 115 1.10 4.10 8.25
C ALA A 115 0.11 3.56 9.27
N SER A 116 -0.37 4.46 10.12
CA SER A 116 -1.45 4.18 11.05
C SER A 116 -2.59 5.12 10.71
N GLY A 117 -3.81 4.68 11.03
CA GLY A 117 -4.94 5.53 10.87
C GLY A 117 -5.50 5.46 9.46
N GLY A 118 -6.49 6.32 9.23
CA GLY A 118 -7.19 6.38 7.96
C GLY A 118 -8.66 6.03 8.04
N TYR A 119 -9.12 5.40 9.13
CA TYR A 119 -10.53 5.06 9.32
C TYR A 119 -10.97 5.26 10.76
N PRO A 120 -12.10 5.95 11.00
CA PRO A 120 -12.89 6.52 9.90
C PRO A 120 -12.33 7.89 9.50
N LEU A 121 -13.15 8.77 8.93
CA LEU A 121 -12.68 10.07 8.47
C LEU A 121 -12.01 10.88 9.57
N THR A 122 -12.43 10.71 10.83
CA THR A 122 -11.87 11.50 11.92
C THR A 122 -10.48 11.02 12.32
N ASN A 123 -10.05 9.87 11.85
CA ASN A 123 -8.81 9.26 12.29
C ASN A 123 -7.78 9.51 11.20
N PRO A 124 -6.94 10.53 11.35
CA PRO A 124 -6.09 10.95 10.22
C PRO A 124 -5.04 9.90 9.89
N LEU A 125 -4.71 9.82 8.61
CA LEU A 125 -3.70 8.87 8.13
C LEU A 125 -2.31 9.43 8.45
N LEU A 126 -1.55 8.72 9.29
CA LEU A 126 -0.23 9.17 9.75
C LEU A 126 0.88 8.25 9.26
N PRO A 127 1.81 8.71 8.43
CA PRO A 127 2.83 7.79 7.92
C PRO A 127 3.93 7.51 8.92
N TYR A 128 4.38 6.26 8.97
CA TYR A 128 5.62 5.94 9.64
C TYR A 128 6.73 6.35 8.69
N ARG A 129 7.69 7.12 9.15
CA ARG A 129 8.61 7.52 8.10
C ARG A 129 9.59 6.40 7.74
N LYS A 130 9.91 5.49 8.66
CA LYS A 130 10.41 4.22 8.12
C LYS A 130 9.43 3.11 8.47
N PRO A 131 9.06 2.26 7.50
CA PRO A 131 8.07 1.21 7.77
C PRO A 131 8.50 0.30 8.90
N ILE A 132 7.52 -0.12 9.71
CA ILE A 132 7.79 -0.99 10.85
C ILE A 132 7.18 -2.35 10.57
N ARG A 133 7.35 -3.27 11.50
CA ARG A 133 6.88 -4.64 11.35
C ARG A 133 5.96 -4.94 12.54
N VAL A 134 4.73 -5.33 12.24
CA VAL A 134 3.74 -5.68 13.26
C VAL A 134 3.24 -7.09 12.99
N SER A 135 3.13 -7.89 14.05
CA SER A 135 2.52 -9.21 13.90
C SER A 135 1.02 -9.03 13.97
N ILE A 136 0.35 -9.31 12.85
CA ILE A 136 -1.07 -8.99 12.70
C ILE A 136 -1.85 -10.30 12.71
N PHE A 137 -2.79 -10.41 13.62
CA PHE A 137 -3.54 -11.64 13.83
C PHE A 137 -4.96 -11.47 13.31
N SER A 138 -5.28 -12.10 12.18
CA SER A 138 -6.59 -11.97 11.57
C SER A 138 -7.53 -13.01 12.13
N LEU A 139 -8.68 -12.58 12.64
CA LEU A 139 -9.66 -13.52 13.14
C LEU A 139 -11.06 -12.95 13.00
N ALA A 140 -12.01 -13.83 12.70
CA ALA A 140 -13.39 -13.42 12.52
C ALA A 140 -14.17 -13.70 13.79
N GLY A 141 -15.03 -12.78 14.17
CA GLY A 141 -15.82 -12.95 15.35
C GLY A 141 -17.21 -13.45 15.02
N PRO A 142 -18.02 -13.64 16.06
CA PRO A 142 -19.42 -13.97 15.83
C PRO A 142 -20.13 -12.84 15.09
N SER A 143 -20.95 -13.19 14.11
CA SER A 143 -21.72 -12.20 13.37
C SER A 143 -23.22 -12.46 13.52
N PHE A 144 -23.95 -11.40 13.90
CA PHE A 144 -25.38 -11.43 14.07
C PHE A 144 -26.12 -10.63 13.00
N GLU A 145 -25.40 -10.12 11.98
CA GLU A 145 -26.01 -9.26 10.97
C GLU A 145 -27.17 -9.93 10.26
N ASN A 146 -27.00 -11.18 9.83
CA ASN A 146 -28.05 -11.95 9.22
C ASN A 146 -28.50 -13.01 10.21
N ASN A 147 -29.40 -13.91 9.79
CA ASN A 147 -29.96 -14.88 10.72
C ASN A 147 -29.58 -16.30 10.39
N TYR A 148 -28.55 -16.51 9.57
CA TYR A 148 -28.06 -17.86 9.30
C TYR A 148 -26.62 -18.10 9.75
N LEU A 149 -25.97 -17.15 10.41
CA LEU A 149 -24.65 -17.36 11.01
C LEU A 149 -24.81 -17.52 12.51
N HIS A 150 -24.07 -16.79 13.36
CA HIS A 150 -24.06 -17.08 14.79
C HIS A 150 -25.39 -16.84 15.45
N TYR A 151 -26.30 -16.10 14.80
CA TYR A 151 -27.65 -16.00 15.34
C TYR A 151 -28.27 -17.38 15.56
N ARG A 152 -27.85 -18.37 14.79
CA ARG A 152 -28.41 -19.69 14.94
C ARG A 152 -27.77 -20.45 16.09
N LEU A 153 -26.84 -19.82 16.83
CA LEU A 153 -26.18 -20.49 17.93
C LEU A 153 -26.51 -19.90 19.29
N PHE A 154 -26.90 -18.64 19.35
CA PHE A 154 -26.97 -17.93 20.62
C PHE A 154 -28.31 -17.29 20.90
N LEU A 155 -29.27 -17.40 20.01
CA LEU A 155 -30.58 -16.82 20.27
C LEU A 155 -31.67 -17.87 20.09
N LEU A 156 -32.73 -17.72 20.88
CA LEU A 156 -33.94 -18.51 20.78
C LEU A 156 -35.09 -17.54 20.54
N ASP A 157 -35.92 -17.83 19.54
CA ASP A 157 -37.07 -16.99 19.23
C ASP A 157 -38.23 -17.90 18.83
N SER A 158 -39.33 -17.26 18.40
CA SER A 158 -40.53 -17.95 17.93
C SER A 158 -40.34 -18.69 16.61
N VAL A 159 -39.33 -18.31 15.81
CA VAL A 159 -39.23 -18.78 14.44
C VAL A 159 -38.36 -20.03 14.33
N GLN A 160 -37.11 -19.92 14.74
CA GLN A 160 -36.23 -21.08 14.86
C GLN A 160 -36.07 -21.34 16.36
N LYS A 161 -36.94 -22.18 16.89
CA LYS A 161 -37.04 -22.40 18.34
C LYS A 161 -36.03 -23.43 18.87
N ILE A 162 -35.09 -23.92 18.05
CA ILE A 162 -34.26 -25.05 18.50
C ILE A 162 -32.89 -24.88 17.79
N ILE A 163 -31.80 -25.14 18.54
CA ILE A 163 -30.43 -25.06 18.00
C ILE A 163 -30.09 -26.37 17.29
N ASP A 164 -29.10 -26.34 16.38
CA ASP A 164 -28.97 -27.37 15.35
C ASP A 164 -27.70 -28.23 15.44
N SER A 165 -26.53 -27.69 15.10
CA SER A 165 -25.36 -28.48 14.73
C SER A 165 -24.78 -29.27 15.90
N PRO A 166 -24.36 -30.53 15.67
CA PRO A 166 -23.61 -31.26 16.69
C PRO A 166 -22.16 -30.81 16.81
N LEU A 167 -21.62 -30.12 15.79
CA LEU A 167 -20.27 -29.58 15.90
C LEU A 167 -20.18 -28.53 16.99
N PHE A 168 -21.30 -27.93 17.38
CA PHE A 168 -21.36 -26.98 18.48
C PHE A 168 -22.28 -27.42 19.63
N SER A 169 -22.69 -28.68 19.67
CA SER A 169 -23.39 -29.22 20.86
C SER A 169 -22.81 -28.72 22.18
N HIS A 170 -21.49 -28.84 22.35
CA HIS A 170 -20.89 -28.67 23.68
C HIS A 170 -21.12 -27.28 24.26
N LEU A 171 -21.23 -26.27 23.40
CA LEU A 171 -21.50 -24.93 23.90
C LEU A 171 -22.80 -24.90 24.71
N HIS A 172 -23.77 -25.75 24.37
CA HIS A 172 -25.08 -25.68 25.00
C HIS A 172 -25.30 -26.72 26.09
N ASP A 173 -24.34 -27.62 26.32
CA ASP A 173 -24.57 -28.75 27.22
C ASP A 173 -24.86 -28.26 28.64
N GLY A 174 -26.00 -28.69 29.17
CA GLY A 174 -26.50 -28.23 30.45
C GLY A 174 -27.37 -27.00 30.40
N LEU A 175 -27.76 -26.52 29.22
CA LEU A 175 -28.54 -25.31 29.05
C LEU A 175 -29.66 -25.55 28.06
N PRO A 176 -30.73 -24.76 28.12
CA PRO A 176 -31.89 -25.02 27.24
C PRO A 176 -31.59 -24.69 25.78
N ILE A 177 -32.31 -25.37 24.89
CA ILE A 177 -32.13 -25.18 23.47
C ILE A 177 -33.49 -25.07 22.80
N GLN A 178 -34.54 -24.91 23.61
CA GLN A 178 -35.89 -24.73 23.07
C GLN A 178 -36.51 -23.46 23.66
N PHE A 179 -37.20 -22.71 22.80
CA PHE A 179 -37.67 -21.37 23.20
C PHE A 179 -38.72 -21.45 24.30
N ASP A 180 -39.69 -22.36 24.19
CA ASP A 180 -40.75 -22.40 25.18
C ASP A 180 -40.23 -22.93 26.51
N GLU A 181 -39.28 -23.87 26.48
CA GLU A 181 -38.72 -24.31 27.75
C GLU A 181 -37.91 -23.19 28.39
N ALA A 182 -37.23 -22.39 27.55
CA ALA A 182 -36.45 -21.27 28.09
C ALA A 182 -37.37 -20.21 28.69
N LYS A 183 -38.50 -19.91 28.03
CA LYS A 183 -39.41 -18.92 28.59
C LYS A 183 -39.87 -19.34 29.98
N LYS A 184 -40.05 -20.65 30.20
CA LYS A 184 -40.54 -21.11 31.48
C LYS A 184 -39.44 -21.22 32.52
N GLU A 185 -38.24 -21.70 32.13
CA GLU A 185 -37.18 -21.74 33.14
C GLU A 185 -36.75 -20.34 33.56
N LEU A 186 -36.95 -19.35 32.70
CA LEU A 186 -36.71 -17.98 33.11
C LEU A 186 -37.79 -17.53 34.10
N GLY A 187 -38.97 -18.12 34.00
CA GLY A 187 -40.11 -17.64 34.77
C GLY A 187 -40.49 -16.28 34.22
N GLU A 188 -40.72 -15.32 35.12
CA GLU A 188 -40.88 -13.93 34.71
C GLU A 188 -39.75 -13.04 35.19
N TYR A 189 -38.62 -13.62 35.56
CA TYR A 189 -37.42 -12.82 35.62
C TYR A 189 -36.93 -12.63 34.21
N ASP A 190 -36.06 -11.64 34.03
CA ASP A 190 -35.50 -11.44 32.72
C ASP A 190 -34.13 -12.09 32.54
N THR A 191 -33.38 -12.27 33.63
CA THR A 191 -32.02 -12.78 33.58
C THR A 191 -31.96 -14.02 34.46
N ASN A 192 -30.79 -14.64 34.46
CA ASN A 192 -30.54 -15.98 34.95
C ASN A 192 -29.04 -16.14 34.80
N LYS A 193 -28.49 -17.18 35.42
CA LYS A 193 -27.06 -17.38 35.34
C LYS A 193 -26.61 -17.85 33.96
N LEU A 194 -27.57 -18.18 33.09
CA LEU A 194 -27.24 -18.76 31.79
C LEU A 194 -27.96 -18.12 30.62
N ALA A 196 -30.76 -14.64 29.13
CA ALA A 196 -31.30 -13.32 29.36
C ALA A 196 -32.09 -12.86 28.14
N ARG A 197 -33.27 -12.30 28.38
CA ARG A 197 -33.95 -11.52 27.37
C ARG A 197 -33.14 -10.28 27.05
N ILE A 198 -33.33 -9.75 25.86
CA ILE A 198 -32.56 -8.61 25.38
C ILE A 198 -33.39 -7.36 25.57
N ARG A 199 -32.88 -6.39 26.32
CA ARG A 199 -33.55 -5.11 26.48
C ARG A 199 -32.82 -4.04 25.66
N LEU A 200 -33.61 -3.29 24.87
CA LEU A 200 -33.13 -2.18 24.04
C LEU A 200 -33.30 -0.85 24.79
N GLY A 201 -32.52 -0.66 25.85
CA GLY A 201 -32.86 0.37 26.80
C GLY A 201 -33.86 -0.27 27.76
N PHE A 202 -35.12 0.13 27.64
CA PHE A 202 -36.17 -0.42 28.48
C PHE A 202 -37.00 -1.53 27.81
N PRO A 203 -37.43 -1.41 26.54
CA PRO A 203 -38.29 -2.48 25.95
C PRO A 203 -37.49 -3.72 25.55
N TYR A 204 -38.25 -4.79 25.26
CA TYR A 204 -37.69 -6.05 24.78
C TYR A 204 -37.48 -6.04 23.26
N LEU A 205 -36.47 -6.77 22.81
CA LEU A 205 -36.35 -7.14 21.41
C LEU A 205 -37.05 -8.48 21.20
N ALA A 206 -38.00 -8.51 20.26
CA ALA A 206 -38.82 -9.69 20.05
C ALA A 206 -39.00 -9.93 18.56
N ARG A 207 -39.50 -11.11 18.20
CA ARG A 207 -39.58 -11.50 16.81
C ARG A 207 -40.90 -12.18 16.53
N PHE A 208 -41.66 -11.63 15.58
CA PHE A 208 -42.90 -12.25 15.12
C PHE A 208 -42.60 -13.56 14.38
N SER A 209 -43.50 -14.53 14.55
CA SER A 209 -43.38 -15.77 13.78
C SER A 209 -43.38 -15.53 12.28
N SER A 210 -44.05 -14.47 11.80
CA SER A 210 -43.95 -14.14 10.38
C SER A 210 -42.50 -13.90 9.96
N GLY A 211 -41.66 -13.39 10.86
CA GLY A 211 -40.25 -13.25 10.61
C GLY A 211 -39.63 -11.94 11.05
N GLY A 212 -40.46 -10.96 11.43
CA GLY A 212 -39.98 -9.62 11.67
C GLY A 212 -39.57 -9.37 13.11
N PHE A 213 -38.62 -8.46 13.26
CA PHE A 213 -38.12 -8.05 14.56
C PHE A 213 -38.76 -6.71 14.90
N TYR A 214 -39.17 -6.55 16.14
CA TYR A 214 -39.85 -5.36 16.63
C TYR A 214 -39.55 -5.19 18.11
N PRO A 215 -39.50 -3.95 18.61
CA PRO A 215 -39.47 -3.77 20.08
C PRO A 215 -40.85 -4.07 20.66
N SER A 216 -40.84 -4.65 21.85
CA SER A 216 -42.08 -5.09 22.50
C SER A 216 -41.98 -4.87 24.01
N PHE A 217 -43.14 -4.78 24.65
CA PHE A 217 -43.15 -4.82 26.10
C PHE A 217 -43.57 -6.17 26.65
N SER A 218 -43.96 -7.10 25.79
CA SER A 218 -44.45 -8.42 26.19
C SER A 218 -43.36 -9.48 26.07
N LYS A 219 -43.12 -10.20 27.18
CA LYS A 219 -42.26 -11.38 27.22
C LYS A 219 -42.64 -12.45 26.21
N SER A 220 -43.83 -12.37 25.60
CA SER A 220 -44.38 -13.52 24.88
C SER A 220 -43.51 -13.91 23.69
N ASN A 221 -43.05 -12.92 22.93
CA ASN A 221 -42.18 -13.18 21.77
C ASN A 221 -40.76 -12.67 22.00
N ALA A 222 -40.45 -12.22 23.21
CA ALA A 222 -39.14 -11.66 23.53
C ALA A 222 -38.06 -12.71 23.31
N ILE A 223 -37.09 -12.39 22.45
CA ILE A 223 -36.05 -13.37 22.14
C ILE A 223 -35.10 -13.49 23.32
N ILE A 224 -34.45 -14.65 23.41
CA ILE A 224 -33.64 -15.01 24.56
C ILE A 224 -32.20 -15.24 24.09
N PHE A 225 -31.25 -14.61 24.79
CA PHE A 225 -29.84 -14.71 24.44
C PHE A 225 -29.19 -15.77 25.32
N LEU A 226 -28.56 -16.76 24.69
CA LEU A 226 -27.90 -17.85 25.40
C LEU A 226 -26.51 -17.36 25.81
N SER A 227 -26.47 -16.67 26.94
CA SER A 227 -25.22 -16.00 27.33
C SER A 227 -24.15 -17.01 27.71
N GLU A 228 -24.50 -18.10 28.39
CA GLU A 228 -23.42 -19.01 28.77
C GLU A 228 -22.80 -19.71 27.57
N ALA A 229 -23.57 -19.93 26.50
CA ALA A 229 -22.96 -20.51 25.31
C ALA A 229 -22.06 -19.49 24.63
N TYR A 230 -22.49 -18.24 24.53
CA TYR A 230 -21.65 -17.21 23.92
C TYR A 230 -20.36 -17.04 24.70
N PHE A 231 -20.42 -17.06 26.02
CA PHE A 231 -19.20 -17.00 26.84
C PHE A 231 -18.29 -18.18 26.56
N ARG A 232 -18.85 -19.40 26.51
CA ARG A 232 -18.02 -20.57 26.22
C ARG A 232 -17.38 -20.46 24.84
N TYR A 233 -18.10 -19.92 23.86
CA TYR A 233 -17.57 -19.71 22.52
C TYR A 233 -16.40 -18.72 22.54
N GLN A 234 -16.57 -17.60 23.25
CA GLN A 234 -15.49 -16.61 23.35
C GLN A 234 -14.26 -17.22 24.01
N LEU A 235 -14.48 -18.08 25.01
CA LEU A 235 -13.38 -18.75 25.66
C LEU A 235 -12.54 -19.54 24.65
N GLU A 236 -13.20 -20.25 23.72
CA GLU A 236 -12.43 -20.98 22.71
C GLU A 236 -11.67 -20.02 21.78
N ASP A 237 -12.29 -18.89 21.41
CA ASP A 237 -11.64 -18.00 20.46
C ASP A 237 -10.51 -17.23 21.11
N VAL A 238 -10.74 -16.71 22.32
CA VAL A 238 -9.70 -15.93 22.96
C VAL A 238 -8.52 -16.83 23.33
N SER A 239 -8.80 -18.03 23.84
CA SER A 239 -7.68 -18.88 24.22
C SER A 239 -6.86 -19.28 23.00
N LEU A 240 -7.48 -19.47 21.84
CA LEU A 240 -6.68 -19.70 20.64
C LEU A 240 -5.79 -18.50 20.34
N LEU A 241 -6.34 -17.28 20.43
CA LEU A 241 -5.55 -16.10 20.10
C LEU A 241 -4.37 -15.93 21.08
N LEU A 242 -4.63 -16.01 22.39
CA LEU A 242 -3.56 -15.85 23.37
C LEU A 242 -2.46 -16.88 23.18
N ALA A 243 -2.82 -18.14 22.91
CA ALA A 243 -1.81 -19.14 22.64
C ALA A 243 -0.98 -18.76 21.41
N SER A 244 -1.62 -18.22 20.36
CA SER A 244 -0.85 -17.98 19.14
C SER A 244 0.03 -16.76 19.29
N VAL A 245 -0.46 -15.73 19.97
CA VAL A 245 0.37 -14.57 20.22
C VAL A 245 1.54 -14.95 21.10
N ASN A 246 1.25 -15.71 22.15
CA ASN A 246 2.29 -16.16 23.05
C ASN A 246 3.33 -16.97 22.29
N GLN A 247 2.89 -17.87 21.42
CA GLN A 247 3.82 -18.69 20.66
C GLN A 247 4.63 -17.83 19.71
N THR A 248 4.00 -16.83 19.10
CA THR A 248 4.72 -15.98 18.16
C THR A 248 5.84 -15.23 18.87
N GLY A 249 5.52 -14.67 20.04
CA GLY A 249 6.54 -13.96 20.80
C GLY A 249 7.66 -14.90 21.22
N LYS A 250 7.29 -16.10 21.71
CA LYS A 250 8.29 -17.08 22.11
C LYS A 250 9.31 -17.31 21.00
N GLU A 251 8.84 -17.55 19.77
CA GLU A 251 9.72 -17.87 18.66
C GLU A 251 10.48 -16.67 18.12
N THR A 252 10.11 -15.46 18.50
CA THR A 252 10.93 -14.30 18.14
C THR A 252 11.77 -13.80 19.31
N GLY A 253 11.57 -14.35 20.50
CA GLY A 253 12.33 -13.97 21.68
C GLY A 253 12.02 -12.60 22.25
N LYS A 254 10.87 -12.03 21.90
CA LYS A 254 10.33 -10.83 22.52
C LYS A 254 8.92 -11.11 23.01
N ALA A 255 8.49 -10.33 24.00
CA ALA A 255 7.12 -10.41 24.48
C ALA A 255 6.25 -9.40 23.74
N ALA A 256 4.99 -9.77 23.55
CA ALA A 256 4.11 -9.02 22.68
C ALA A 256 3.49 -7.85 23.42
N LEU A 257 3.34 -6.71 22.72
CA LEU A 257 2.37 -5.66 23.05
C LEU A 257 1.19 -5.88 22.12
N LEU A 258 0.13 -6.49 22.63
CA LEU A 258 -0.99 -6.91 21.79
C LEU A 258 -2.08 -5.84 21.78
N LYS A 259 -2.42 -5.34 20.60
CA LYS A 259 -3.57 -4.48 20.42
C LYS A 259 -4.81 -5.37 20.23
N ALA A 260 -5.69 -5.43 21.22
CA ALA A 260 -6.84 -6.34 21.16
C ALA A 260 -8.01 -5.57 20.58
N THR A 261 -7.96 -5.36 19.26
CA THR A 261 -9.06 -4.70 18.56
C THR A 261 -10.36 -5.42 18.88
N ALA A 262 -11.43 -4.63 19.07
CA ALA A 262 -12.76 -5.21 19.27
C ALA A 262 -13.15 -5.97 18.00
N VAL A 263 -13.62 -7.20 18.16
CA VAL A 263 -13.83 -8.09 17.02
C VAL A 263 -15.30 -8.22 16.66
N GLY A 264 -16.14 -8.49 17.64
CA GLY A 264 -17.53 -8.78 17.29
C GLY A 264 -18.47 -7.63 17.07
N GLY A 266 -19.74 -3.38 16.18
CA GLY A 266 -19.99 -2.66 14.94
C GLY A 266 -21.20 -3.22 14.23
N PHE A 267 -21.06 -3.45 12.93
CA PHE A 267 -22.20 -3.94 12.16
C PHE A 267 -22.52 -5.40 12.48
N PHE A 268 -21.54 -6.17 12.97
CA PHE A 268 -21.74 -7.56 13.30
C PHE A 268 -22.61 -7.74 14.54
N ALA A 269 -22.84 -6.68 15.30
CA ALA A 269 -23.56 -6.77 16.57
C ALA A 269 -24.94 -6.12 16.48
N LYS A 270 -25.50 -6.06 15.28
CA LYS A 270 -26.83 -5.48 15.06
C LYS A 270 -27.73 -6.57 14.53
N ILE A 271 -28.61 -7.08 15.40
CA ILE A 271 -29.59 -8.08 14.99
C ILE A 271 -30.52 -7.46 13.97
N ASP A 272 -30.69 -8.13 12.83
CA ASP A 272 -31.52 -7.66 11.72
C ASP A 272 -31.03 -6.35 11.12
N CYS A 273 -29.72 -6.09 11.22
CA CYS A 273 -29.11 -4.85 10.72
C CYS A 273 -29.81 -3.60 11.24
N GLY A 274 -30.17 -3.61 12.52
CA GLY A 274 -30.86 -2.47 13.09
C GLY A 274 -30.78 -2.32 14.60
N TYR A 275 -30.90 -3.43 15.34
CA TYR A 275 -31.02 -3.41 16.80
C TYR A 275 -29.67 -3.77 17.44
N ASP A 276 -28.99 -2.75 17.97
CA ASP A 276 -27.63 -2.91 18.44
C ASP A 276 -27.58 -3.68 19.77
N ILE A 277 -26.72 -4.68 19.84
CA ILE A 277 -26.56 -5.45 21.07
C ILE A 277 -25.14 -5.40 21.63
N GLN A 278 -24.31 -4.43 21.17
CA GLN A 278 -22.96 -4.27 21.71
C GLN A 278 -22.96 -4.24 23.23
N HIS A 279 -23.83 -3.41 23.82
CA HIS A 279 -23.85 -3.21 25.26
C HIS A 279 -24.09 -4.50 26.05
N ILE A 280 -24.56 -5.56 25.39
CA ILE A 280 -24.85 -6.81 26.06
C ILE A 280 -23.74 -7.83 25.87
N ILE A 281 -23.16 -7.92 24.69
CA ILE A 281 -22.18 -8.98 24.49
C ILE A 281 -20.76 -8.53 24.84
N PHE A 282 -20.46 -7.24 24.73
CA PHE A 282 -19.13 -6.78 25.10
C PHE A 282 -18.66 -7.24 26.48
N PRO A 283 -19.48 -7.23 27.54
CA PRO A 283 -18.94 -7.73 28.81
C PRO A 283 -18.54 -9.19 28.76
N TYR A 284 -19.26 -10.04 28.02
CA TYR A 284 -18.87 -11.45 27.99
C TYR A 284 -17.55 -11.63 27.23
N TYR A 285 -17.32 -10.83 26.19
CA TYR A 285 -16.00 -10.80 25.55
C TYR A 285 -14.91 -10.51 26.58
N LEU A 286 -15.10 -9.46 27.40
CA LEU A 286 -14.05 -9.07 28.33
C LEU A 286 -13.88 -10.09 29.44
N ARG A 287 -14.95 -10.78 29.82
CA ARG A 287 -14.80 -11.77 30.89
C ARG A 287 -14.00 -12.96 30.41
N ALA A 288 -14.06 -13.28 29.11
CA ALA A 288 -13.23 -14.36 28.60
C ALA A 288 -11.76 -14.02 28.77
N TYR A 289 -11.37 -12.82 28.35
CA TYR A 289 -10.00 -12.38 28.55
C TYR A 289 -9.65 -12.45 30.04
N LYS A 290 -10.53 -11.91 30.89
CA LYS A 290 -10.26 -11.87 32.32
C LYS A 290 -10.05 -13.28 32.89
N LYS A 291 -10.93 -14.21 32.56
CA LYS A 291 -10.79 -15.56 33.10
C LYS A 291 -9.48 -16.18 32.61
N LEU A 292 -9.21 -16.10 31.31
CA LEU A 292 -8.01 -16.78 30.76
C LEU A 292 -6.71 -16.15 31.26
N LEU A 293 -6.64 -14.81 31.31
CA LEU A 293 -5.44 -14.17 31.81
C LEU A 293 -5.24 -14.37 33.32
N SER A 294 -6.33 -14.61 34.07
CA SER A 294 -6.20 -14.88 35.51
C SER A 294 -5.79 -16.32 35.80
N GLU A 295 -5.89 -17.24 34.84
CA GLU A 295 -5.69 -18.65 35.11
C GLU A 295 -4.51 -19.26 34.38
N HIS A 296 -3.92 -18.53 33.43
CA HIS A 296 -2.84 -19.05 32.61
C HIS A 296 -1.71 -18.06 32.58
N LYS A 297 -0.52 -18.58 32.48
CA LYS A 297 0.53 -17.61 32.31
C LYS A 297 1.02 -17.65 30.86
N PHE A 298 1.24 -16.44 30.34
CA PHE A 298 1.59 -16.15 28.96
C PHE A 298 2.90 -15.39 29.05
N PRO A 299 3.99 -16.10 29.27
CA PRO A 299 5.27 -15.43 29.52
C PRO A 299 5.69 -14.53 28.39
N TRP A 300 5.09 -14.65 27.21
CA TRP A 300 5.49 -13.84 26.07
C TRP A 300 4.45 -12.80 25.66
N ILE A 301 3.52 -12.46 26.55
CA ILE A 301 2.61 -11.35 26.33
C ILE A 301 2.81 -10.32 27.45
N ALA A 302 3.48 -9.21 27.14
CA ALA A 302 3.71 -8.23 28.20
C ALA A 302 2.44 -7.47 28.56
N LYS A 303 1.80 -6.88 27.56
CA LYS A 303 0.65 -6.03 27.81
C LYS A 303 -0.40 -6.37 26.79
N ILE A 304 -1.67 -6.18 27.15
CA ILE A 304 -2.76 -6.18 26.19
C ILE A 304 -3.47 -4.84 26.28
N GLU A 305 -3.62 -4.19 25.13
CA GLU A 305 -4.20 -2.86 25.04
C GLU A 305 -5.52 -2.96 24.28
N PHE A 306 -6.60 -2.52 24.93
CA PHE A 306 -7.93 -2.56 24.37
C PHE A 306 -8.31 -1.20 23.84
N PRO A 307 -8.43 -1.01 22.54
CA PRO A 307 -8.93 0.27 22.02
C PRO A 307 -10.43 0.35 22.21
N ILE A 308 -10.86 1.20 23.13
CA ILE A 308 -12.25 1.31 23.51
C ILE A 308 -12.61 2.79 23.48
N PHE A 309 -13.59 3.14 22.65
CA PHE A 309 -13.99 4.52 22.46
C PHE A 309 -15.37 4.90 23.01
N ASN A 310 -16.27 3.93 23.25
CA ASN A 310 -17.66 4.18 23.68
C ASN A 310 -17.78 4.28 25.20
N GLU A 311 -18.60 5.20 25.75
CA GLU A 311 -18.50 5.29 27.25
C GLU A 311 -18.95 4.04 27.95
N ILE A 312 -19.87 3.31 27.34
CA ILE A 312 -20.41 2.20 28.09
C ILE A 312 -19.41 1.08 28.13
N GLN A 313 -18.77 0.83 26.98
CA GLN A 313 -17.72 -0.16 26.94
C GLN A 313 -16.59 0.24 27.87
N GLN A 314 -16.26 1.54 27.90
CA GLN A 314 -15.24 2.06 28.80
C GLN A 314 -15.52 1.70 30.25
N GLU A 315 -16.73 1.99 30.72
CA GLU A 315 -17.05 1.65 32.10
C GLU A 315 -17.19 0.15 32.28
N GLN A 316 -17.74 -0.55 31.30
CA GLN A 316 -17.78 -2.01 31.40
C GLN A 316 -16.39 -2.59 31.60
N PHE A 317 -15.42 -2.15 30.77
CA PHE A 317 -14.04 -2.57 30.95
C PHE A 317 -13.53 -2.24 32.36
N ASP A 318 -13.76 -1.01 32.83
CA ASP A 318 -13.26 -0.60 34.15
C ASP A 318 -13.85 -1.45 35.25
N SER A 319 -15.13 -1.81 35.14
CA SER A 319 -15.75 -2.60 36.20
C SER A 319 -15.25 -4.02 36.17
N ILE A 320 -15.04 -4.57 34.97
CA ILE A 320 -14.68 -5.97 34.89
C ILE A 320 -13.23 -6.20 35.28
N PHE A 321 -12.36 -5.21 35.10
CA PHE A 321 -10.94 -5.40 35.43
C PHE A 321 -10.48 -4.69 36.70
N GLU A 322 -11.39 -4.03 37.43
CA GLU A 322 -11.03 -3.40 38.70
C GLU A 322 -10.36 -4.40 39.62
N ASP A 323 -10.86 -5.62 39.62
CA ASP A 323 -10.46 -6.71 40.48
C ASP A 323 -9.34 -7.56 39.87
N TYR A 324 -8.95 -7.31 38.62
CA TYR A 324 -8.04 -8.21 37.92
C TYR A 324 -6.63 -8.13 38.44
N ASP A 325 -6.04 -9.28 38.81
CA ASP A 325 -4.69 -9.05 39.34
C ASP A 325 -3.68 -9.98 38.64
N GLY A 326 -4.10 -10.71 37.60
CA GLY A 326 -3.23 -11.67 36.90
C GLY A 326 -1.95 -11.03 36.39
N PRO A 327 -1.02 -11.86 35.91
CA PRO A 327 0.33 -11.35 35.57
C PRO A 327 0.48 -10.61 34.24
N THR A 328 -0.45 -10.76 33.30
CA THR A 328 -0.38 -10.00 32.03
C THR A 328 -0.98 -8.61 32.27
N LYS A 329 -0.20 -7.55 31.99
CA LYS A 329 -0.73 -6.21 32.20
C LYS A 329 -1.84 -5.92 31.16
N VAL A 330 -2.89 -5.23 31.60
CA VAL A 330 -4.11 -4.99 30.81
C VAL A 330 -4.59 -3.55 31.04
N TYR A 331 -4.87 -2.82 29.96
CA TYR A 331 -5.32 -1.45 30.07
C TYR A 331 -6.12 -1.12 28.80
N ARG A 332 -6.85 -0.02 28.84
CA ARG A 332 -7.57 0.46 27.67
C ARG A 332 -6.98 1.79 27.21
N SER A 333 -7.20 2.13 25.93
CA SER A 333 -6.67 3.37 25.35
C SER A 333 -7.59 3.85 24.25
N THR A 334 -7.26 5.02 23.69
CA THR A 334 -7.96 5.54 22.53
C THR A 334 -7.00 5.67 21.35
N ARG A 335 -5.99 4.81 21.33
CA ARG A 335 -4.96 4.83 20.32
C ARG A 335 -5.35 3.94 19.13
N ASP A 336 -4.94 4.35 17.92
CA ASP A 336 -5.21 3.55 16.73
C ASP A 336 -4.51 2.19 16.84
N VAL A 337 -5.09 1.21 16.15
CA VAL A 337 -4.63 -0.17 16.26
C VAL A 337 -3.17 -0.30 15.81
N LEU A 338 -2.79 0.38 14.75
CA LEU A 338 -1.46 0.23 14.17
C LEU A 338 -0.46 1.28 14.65
N GLU A 339 -0.76 2.01 15.71
CA GLU A 339 0.11 3.07 16.21
C GLU A 339 0.91 2.58 17.40
N PHE A 340 2.23 2.55 17.24
CA PHE A 340 3.17 2.20 18.29
C PHE A 340 4.24 3.28 18.41
N ARG A 341 4.70 3.50 19.63
CA ARG A 341 5.85 4.40 19.85
C ARG A 341 7.15 3.67 19.53
N GLU A 342 8.24 4.42 19.36
CA GLU A 342 9.45 3.72 18.94
C GLU A 342 10.16 3.03 20.10
N GLU A 343 9.89 3.45 21.34
CA GLU A 343 10.35 2.69 22.49
C GLU A 343 9.56 1.40 22.66
N GLU A 344 8.26 1.41 22.32
CA GLU A 344 7.49 0.18 22.33
C GLU A 344 8.03 -0.81 21.28
N ILE A 345 8.42 -0.31 20.10
CA ILE A 345 8.90 -1.19 19.05
C ILE A 345 10.24 -1.81 19.40
N GLU A 346 11.13 -1.08 20.05
CA GLU A 346 12.38 -1.75 20.49
C GLU A 346 12.13 -2.78 21.57
N LYS A 347 11.30 -2.41 22.54
CA LYS A 347 11.10 -3.22 23.71
C LYS A 347 10.36 -4.53 23.41
N TYR A 348 9.29 -4.44 22.61
CA TYR A 348 8.31 -5.50 22.51
C TYR A 348 8.15 -5.97 21.07
N LEU A 349 7.48 -7.12 20.92
CA LEU A 349 6.90 -7.53 19.65
C LEU A 349 5.58 -6.80 19.48
N PRO A 350 5.49 -5.84 18.54
CA PRO A 350 4.21 -5.18 18.29
C PRO A 350 3.26 -6.19 17.66
N ALA A 351 2.03 -6.21 18.15
CA ALA A 351 1.07 -7.24 17.78
C ALA A 351 -0.31 -6.63 17.79
N ALA A 352 -1.14 -7.01 16.82
CA ALA A 352 -2.44 -6.37 16.67
C ALA A 352 -3.40 -7.39 16.09
N ILE A 353 -4.65 -7.27 16.50
CA ILE A 353 -5.70 -8.10 15.92
C ILE A 353 -6.24 -7.41 14.68
N ASN A 354 -6.37 -8.17 13.62
CA ASN A 354 -7.14 -7.74 12.47
C ASN A 354 -8.54 -8.32 12.63
N PRO A 355 -9.57 -7.49 12.89
CA PRO A 355 -10.95 -8.01 12.96
C PRO A 355 -11.47 -8.35 11.56
N SER A 356 -11.40 -9.62 11.20
CA SER A 356 -11.52 -10.04 9.81
C SER A 356 -12.90 -10.62 9.49
N ASP A 357 -13.21 -10.65 8.19
CA ASP A 357 -14.40 -11.34 7.69
C ASP A 357 -13.96 -12.73 7.25
N ALA A 358 -14.59 -13.76 7.83
CA ALA A 358 -14.24 -15.13 7.48
C ALA A 358 -14.67 -15.49 6.07
N PHE A 359 -15.52 -14.67 5.45
CA PHE A 359 -16.12 -14.98 4.16
C PHE A 359 -15.63 -14.06 3.06
N ALA A 360 -14.48 -13.42 3.27
CA ALA A 360 -13.85 -12.57 2.26
C ALA A 360 -12.34 -12.67 2.38
N LEU A 361 -11.67 -12.39 1.26
CA LEU A 361 -10.22 -12.31 1.24
C LEU A 361 -9.72 -11.33 2.30
N THR A 362 -8.65 -11.72 3.02
CA THR A 362 -8.08 -10.85 4.03
C THR A 362 -7.76 -9.47 3.46
N GLY A 363 -8.18 -8.43 4.16
CA GLY A 363 -8.12 -7.09 3.62
C GLY A 363 -9.48 -6.51 3.29
N ASN A 364 -10.36 -7.34 2.71
CA ASN A 364 -11.76 -7.03 2.33
C ASN A 364 -11.81 -5.83 1.40
N GLU A 365 -12.59 -4.78 1.72
CA GLU A 365 -12.76 -3.63 0.83
C GLU A 365 -11.42 -2.94 0.58
N TRP A 366 -11.41 -2.15 -0.49
CA TRP A 366 -10.17 -1.56 -1.00
C TRP A 366 -10.04 -0.08 -0.67
N GLY A 367 -11.13 0.58 -0.28
CA GLY A 367 -11.05 1.91 0.29
C GLY A 367 -10.82 1.85 1.79
N TYR A 368 -10.90 3.01 2.42
CA TYR A 368 -10.82 3.10 3.88
C TYR A 368 -12.25 3.05 4.40
N GLY A 369 -12.81 1.83 4.43
CA GLY A 369 -14.19 1.60 4.81
C GLY A 369 -14.42 0.82 6.10
N SER A 370 -13.35 0.41 6.75
CA SER A 370 -13.46 -0.45 7.92
C SER A 370 -12.08 -0.54 8.56
N VAL A 371 -12.04 -1.10 9.75
CA VAL A 371 -10.76 -1.33 10.40
C VAL A 371 -9.90 -2.29 9.57
N GLU A 372 -10.52 -3.33 8.98
CA GLU A 372 -9.75 -4.28 8.17
C GLU A 372 -9.25 -3.67 6.86
N SER A 373 -10.10 -2.94 6.15
CA SER A 373 -9.61 -2.34 4.92
C SER A 373 -8.51 -1.33 5.22
N ILE A 375 -6.22 -1.62 7.80
CA ILE A 375 -5.01 -2.43 7.89
C ILE A 375 -4.58 -2.89 6.50
N GLY A 376 -5.55 -3.25 5.65
CA GLY A 376 -5.25 -3.72 4.31
C GLY A 376 -4.64 -2.69 3.40
N ASN A 377 -4.76 -1.41 3.73
CA ASN A 377 -4.11 -0.41 2.91
C ASN A 377 -2.85 0.14 3.56
N ASN A 378 -2.69 -0.06 4.87
CA ASN A 378 -1.55 0.41 5.62
C ASN A 378 -0.51 -0.65 5.87
N SER A 379 -0.65 -1.84 5.27
CA SER A 379 0.27 -2.92 5.59
C SER A 379 0.44 -3.83 4.38
N SER A 380 1.35 -4.79 4.51
CA SER A 380 1.55 -5.80 3.48
C SER A 380 0.64 -7.03 3.62
N ILE A 381 -0.41 -6.95 4.46
CA ILE A 381 -1.18 -8.15 4.79
C ILE A 381 -1.85 -8.76 3.54
N ARG A 382 -2.26 -7.93 2.58
CA ARG A 382 -2.84 -8.48 1.35
C ARG A 382 -1.82 -9.31 0.59
N PHE A 383 -0.54 -8.98 0.70
CA PHE A 383 0.51 -9.81 0.11
C PHE A 383 0.82 -11.02 0.95
N ASP A 384 0.61 -10.94 2.26
CA ASP A 384 1.06 -11.97 3.19
C ASP A 384 0.00 -12.99 3.51
N GLN A 385 -1.28 -12.61 3.45
CA GLN A 385 -2.35 -13.47 3.95
C GLN A 385 -3.39 -13.84 2.89
N VAL A 386 -3.12 -13.56 1.62
CA VAL A 386 -3.99 -13.95 0.52
C VAL A 386 -3.28 -15.03 -0.31
N HIS A 387 -3.95 -16.17 -0.49
CA HIS A 387 -3.34 -17.29 -1.21
C HIS A 387 -2.98 -16.95 -2.66
N HIS A 388 -3.57 -15.91 -3.24
CA HIS A 388 -3.19 -15.55 -4.61
C HIS A 388 -1.73 -15.13 -4.66
N ASN A 390 0.58 -15.39 -1.86
CA ASN A 390 1.44 -16.13 -0.96
C ASN A 390 0.87 -17.53 -0.78
N PRO A 391 1.25 -18.47 -1.65
CA PRO A 391 0.73 -19.84 -1.53
C PRO A 391 1.26 -20.58 -0.32
N LEU A 392 2.26 -20.03 0.40
CA LEU A 392 2.72 -20.68 1.63
C LEU A 392 1.58 -20.86 2.64
N ILE A 393 0.51 -20.07 2.51
CA ILE A 393 -0.58 -20.18 3.47
C ILE A 393 -1.35 -21.47 3.25
N LEU A 394 -1.22 -22.09 2.07
CA LEU A 394 -1.84 -23.38 1.83
C LEU A 394 -0.93 -24.56 2.18
N ASP A 395 0.34 -24.31 2.41
CA ASP A 395 1.37 -25.31 2.69
C ASP A 395 1.24 -25.85 4.11
N PRO A 396 1.15 -27.17 4.30
CA PRO A 396 0.91 -27.70 5.67
C PRO A 396 2.02 -27.41 6.67
N SER A 397 3.24 -27.11 6.23
CA SER A 397 4.30 -26.71 7.16
C SER A 397 4.05 -25.35 7.79
N HIS A 398 3.12 -24.56 7.26
CA HIS A 398 2.77 -23.28 7.83
C HIS A 398 1.48 -23.33 8.64
N HIS A 399 0.89 -24.51 8.81
CA HIS A 399 -0.26 -24.67 9.69
C HIS A 399 0.19 -25.14 11.05
N VAL A 400 -0.43 -24.58 12.09
CA VAL A 400 -0.25 -24.99 13.47
C VAL A 400 -1.58 -25.56 13.92
N GLU A 401 -1.58 -26.83 14.32
CA GLU A 401 -2.77 -27.45 14.86
C GLU A 401 -2.84 -27.15 16.36
N ALA A 402 -4.03 -26.84 16.83
CA ALA A 402 -4.23 -26.40 18.21
C ALA A 402 -5.32 -27.25 18.85
N GLN A 403 -5.08 -27.71 20.08
CA GLN A 403 -6.06 -28.45 20.84
C GLN A 403 -6.37 -27.69 22.11
N ILE A 404 -7.65 -27.48 22.37
CA ILE A 404 -8.09 -26.74 23.54
C ILE A 404 -8.57 -27.77 24.56
N ASN A 405 -7.86 -27.88 25.68
CA ASN A 405 -8.20 -28.85 26.70
C ASN A 405 -9.42 -28.38 27.48
N LYS A 406 -9.82 -29.15 28.49
CA LYS A 406 -11.02 -28.81 29.25
C LYS A 406 -10.76 -27.61 30.17
N ASP A 407 -9.50 -27.41 30.56
CA ASP A 407 -9.08 -26.27 31.36
C ASP A 407 -8.70 -25.06 30.51
N HIS A 408 -8.95 -25.10 29.21
CA HIS A 408 -8.69 -24.01 28.27
C HIS A 408 -7.20 -23.72 28.10
N GLY A 409 -6.34 -24.67 28.46
CA GLY A 409 -4.99 -24.66 27.95
C GLY A 409 -4.95 -25.18 26.52
N VAL A 410 -3.99 -24.68 25.75
CA VAL A 410 -3.93 -24.94 24.32
C VAL A 410 -2.64 -25.65 24.00
N GLU A 411 -2.74 -26.77 23.30
CA GLU A 411 -1.60 -27.54 22.86
C GLU A 411 -1.37 -27.24 21.39
N LEU A 412 -0.16 -26.79 21.04
CA LEU A 412 0.20 -26.41 19.69
C LEU A 412 1.19 -27.42 19.11
N THR A 413 0.84 -28.01 17.97
CA THR A 413 1.71 -28.96 17.30
C THR A 413 1.99 -28.47 15.88
N VAL A 414 3.26 -28.39 15.51
CA VAL A 414 3.62 -27.99 14.15
C VAL A 414 3.59 -29.26 13.27
N ASN A 415 2.66 -29.30 12.30
CA ASN A 415 2.41 -30.50 11.46
C ASN A 415 1.90 -31.69 12.29
N LYS B 2 37.19 -1.00 3.07
CA LYS B 2 38.18 -0.22 2.35
C LYS B 2 37.59 0.25 1.01
N ALA B 3 37.95 1.48 0.62
CA ALA B 3 37.49 2.04 -0.65
C ALA B 3 38.12 1.30 -1.82
N ILE B 4 37.28 0.94 -2.79
CA ILE B 4 37.76 0.28 -4.00
C ILE B 4 37.81 1.33 -5.11
N PRO B 5 38.80 1.33 -5.98
CA PRO B 5 38.78 2.23 -7.14
C PRO B 5 37.52 2.05 -7.95
N PRO B 6 36.89 3.16 -8.37
CA PRO B 6 35.49 3.10 -8.84
C PRO B 6 35.26 2.23 -10.05
N LYS B 7 36.12 2.30 -11.06
CA LYS B 7 35.87 1.57 -12.29
C LYS B 7 35.81 0.07 -12.07
N ILE B 8 36.63 -0.47 -11.17
CA ILE B 8 36.59 -1.92 -10.96
C ILE B 8 35.52 -2.29 -9.93
N TRP B 9 35.20 -1.38 -9.01
CA TRP B 9 34.01 -1.64 -8.20
C TRP B 9 32.82 -1.88 -9.10
N PHE B 10 32.65 -1.02 -10.12
CA PHE B 10 31.50 -1.17 -11.00
C PHE B 10 31.53 -2.51 -11.74
N GLU B 11 32.70 -2.92 -12.24
CA GLU B 11 32.79 -4.16 -13.00
C GLU B 11 32.45 -5.37 -12.14
N THR B 12 32.76 -5.29 -10.85
CA THR B 12 32.45 -6.40 -9.96
C THR B 12 30.95 -6.63 -9.93
N GLN B 13 30.17 -5.56 -9.72
CA GLN B 13 28.72 -5.67 -9.71
C GLN B 13 28.19 -6.19 -11.04
N LEU B 14 28.76 -5.72 -12.15
CA LEU B 14 28.38 -6.22 -13.47
C LEU B 14 28.61 -7.71 -13.55
N LYS B 15 29.71 -8.16 -12.98
CA LYS B 15 30.06 -9.55 -13.13
C LYS B 15 29.33 -10.41 -12.08
N GLY B 16 29.04 -9.82 -10.92
CA GLY B 16 28.28 -10.42 -9.82
C GLY B 16 26.78 -10.50 -10.03
N SER B 17 26.22 -9.69 -10.92
CA SER B 17 24.79 -9.70 -11.24
C SER B 17 24.45 -10.56 -12.44
N GLY B 18 25.44 -10.95 -13.24
CA GLY B 18 25.20 -11.74 -14.42
C GLY B 18 25.10 -10.97 -15.72
N LEU B 19 25.32 -9.66 -15.70
CA LEU B 19 25.03 -8.86 -16.89
C LEU B 19 26.08 -9.01 -17.99
N ASP B 20 27.35 -9.25 -17.63
CA ASP B 20 28.43 -9.35 -18.61
C ASP B 20 28.28 -10.52 -19.59
N LYS B 21 27.50 -11.53 -19.23
CA LYS B 21 27.27 -12.76 -19.96
C LYS B 21 26.09 -12.67 -20.95
N LYS B 22 25.53 -11.48 -21.12
CA LYS B 22 24.32 -11.24 -21.92
C LYS B 22 24.56 -10.37 -23.15
N PHE B 23 25.68 -9.64 -23.23
CA PHE B 23 26.02 -8.82 -24.40
C PHE B 23 27.50 -8.98 -24.77
N GLN B 24 27.79 -8.97 -26.08
CA GLN B 24 29.16 -9.14 -26.58
C GLN B 24 29.74 -7.81 -27.01
N ILE B 25 31.03 -7.81 -27.28
CA ILE B 25 31.73 -6.54 -27.47
C ILE B 25 31.58 -6.07 -28.91
N ASP B 26 31.10 -6.93 -29.79
CA ASP B 26 30.65 -6.45 -31.09
C ASP B 26 29.30 -5.76 -30.97
N GLU B 27 28.43 -6.29 -30.10
CA GLU B 27 27.14 -5.65 -29.84
C GLU B 27 27.30 -4.41 -28.96
N LEU B 28 28.29 -4.41 -28.06
CA LEU B 28 28.45 -3.29 -27.14
C LEU B 28 29.23 -2.13 -27.74
N ILE B 29 30.04 -2.34 -28.78
CA ILE B 29 30.62 -1.17 -29.43
C ILE B 29 29.52 -0.41 -30.16
N GLU B 30 28.50 -1.12 -30.67
CA GLU B 30 27.36 -0.50 -31.36
C GLU B 30 26.51 0.34 -30.42
N THR B 31 25.99 -0.30 -29.36
CA THR B 31 25.15 0.43 -28.42
C THR B 31 25.90 1.59 -27.80
N GLN B 32 27.18 1.37 -27.43
CA GLN B 32 27.93 2.42 -26.73
C GLN B 32 28.19 3.64 -27.61
N SER B 33 28.26 3.47 -28.93
CA SER B 33 28.54 4.63 -29.77
C SER B 33 27.30 5.48 -30.05
N SER B 34 26.11 4.93 -29.83
CA SER B 34 24.86 5.65 -30.08
C SER B 34 24.47 6.58 -28.94
N VAL B 35 25.28 6.66 -27.87
CA VAL B 35 24.89 7.44 -26.71
C VAL B 35 24.94 8.92 -27.08
N ARG B 36 23.98 9.69 -26.58
CA ARG B 36 23.94 11.12 -26.78
C ARG B 36 23.52 11.78 -25.47
N VAL B 37 23.95 13.02 -25.25
CA VAL B 37 23.58 13.77 -24.06
C VAL B 37 22.93 15.08 -24.51
N PHE B 38 21.62 15.20 -24.31
CA PHE B 38 20.89 16.42 -24.65
C PHE B 38 20.83 17.31 -23.42
N ALA B 39 21.44 18.49 -23.51
CA ALA B 39 21.65 19.36 -22.34
C ALA B 39 21.06 20.74 -22.60
N ASN B 40 20.12 21.15 -21.75
CA ASN B 40 19.55 22.49 -21.80
C ASN B 40 20.64 23.50 -21.48
N LYS B 41 20.98 24.37 -22.45
CA LYS B 41 22.14 25.23 -22.30
C LYS B 41 21.94 26.31 -21.23
N LYS B 42 20.70 26.62 -20.88
CA LYS B 42 20.46 27.56 -19.80
C LYS B 42 21.06 27.06 -18.49
N TYR B 43 21.16 25.74 -18.31
CA TYR B 43 21.56 25.15 -17.04
C TYR B 43 22.88 24.39 -17.09
N LEU B 44 23.24 23.82 -18.23
CA LEU B 44 24.50 23.12 -18.41
C LEU B 44 25.20 23.76 -19.60
N PRO B 45 25.92 24.86 -19.38
CA PRO B 45 26.38 25.68 -20.51
C PRO B 45 27.57 25.12 -21.28
N ASP B 46 28.42 24.27 -20.68
CA ASP B 46 29.64 23.83 -21.35
C ASP B 46 29.94 22.38 -21.01
N THR B 47 30.91 21.80 -21.74
CA THR B 47 31.24 20.39 -21.60
C THR B 47 31.66 20.02 -20.19
N GLU B 48 32.33 20.90 -19.48
CA GLU B 48 32.81 20.53 -18.15
C GLU B 48 31.68 20.49 -17.13
N THR B 49 30.72 21.42 -17.22
CA THR B 49 29.55 21.32 -16.34
C THR B 49 28.77 20.05 -16.63
N ILE B 50 28.55 19.74 -17.91
CA ILE B 50 27.80 18.56 -18.28
C ILE B 50 28.48 17.31 -17.74
N ASN B 51 29.79 17.20 -17.96
CA ASN B 51 30.51 16.04 -17.45
C ASN B 51 30.48 15.99 -15.93
N GLU B 52 30.45 17.15 -15.28
CA GLU B 52 30.32 17.17 -13.82
C GLU B 52 28.97 16.60 -13.39
N ALA B 53 27.90 16.97 -14.07
CA ALA B 53 26.59 16.39 -13.79
C ALA B 53 26.56 14.89 -14.08
N LEU B 54 27.43 14.41 -14.95
CA LEU B 54 27.39 13.01 -15.36
C LEU B 54 28.21 12.10 -14.47
N THR B 55 29.16 12.64 -13.72
CA THR B 55 30.11 11.83 -12.98
C THR B 55 30.07 12.05 -11.48
N LYS B 56 29.85 13.28 -11.04
CA LYS B 56 29.98 13.63 -9.62
C LYS B 56 28.74 13.21 -8.83
N VAL B 57 28.45 11.91 -8.87
CA VAL B 57 27.23 11.35 -8.29
C VAL B 57 27.58 10.08 -7.54
N THR B 58 26.61 9.60 -6.76
CA THR B 58 26.79 8.36 -6.05
C THR B 58 26.59 7.17 -6.99
N ALA B 59 26.89 5.98 -6.47
CA ALA B 59 26.70 4.79 -7.29
C ALA B 59 25.28 4.26 -7.18
N VAL B 60 24.79 4.13 -5.95
CA VAL B 60 23.46 3.62 -5.67
C VAL B 60 22.78 4.56 -4.69
N ASN B 61 21.58 5.00 -5.03
CA ASN B 61 20.79 5.88 -4.17
C ASN B 61 19.43 5.20 -3.97
N VAL B 62 19.26 4.49 -2.85
CA VAL B 62 18.14 3.58 -2.66
C VAL B 62 16.83 4.35 -2.50
N SER B 63 15.75 3.76 -3.04
CA SER B 63 14.46 4.46 -3.13
C SER B 63 13.72 4.45 -1.80
N GLY B 64 13.61 3.30 -1.16
CA GLY B 64 12.96 3.28 0.14
C GLY B 64 13.75 3.99 1.22
N ASP B 65 14.90 3.45 1.62
CA ASP B 65 15.73 4.02 2.68
C ASP B 65 16.39 5.35 2.27
N LYS B 66 17.16 5.92 3.21
CA LYS B 66 18.19 6.90 2.91
C LYS B 66 19.58 6.25 2.87
N SER B 67 19.64 4.96 2.56
CA SER B 67 20.86 4.19 2.37
C SER B 67 21.32 4.24 0.92
N GLY B 68 22.55 3.80 0.69
CA GLY B 68 23.11 3.73 -0.63
C GLY B 68 24.63 3.54 -0.57
N TYR B 69 25.25 3.59 -1.75
CA TYR B 69 26.68 3.38 -1.91
C TYR B 69 27.32 4.46 -2.77
N PHE B 70 28.49 4.92 -2.35
CA PHE B 70 29.29 5.80 -3.20
C PHE B 70 29.92 4.99 -4.33
N GLN B 71 30.51 5.71 -5.30
CA GLN B 71 31.08 5.02 -6.47
C GLN B 71 32.21 4.09 -6.09
N ASN B 72 32.88 4.32 -4.96
CA ASN B 72 34.00 3.48 -4.53
C ASN B 72 33.57 2.29 -3.69
N GLY B 73 32.27 2.08 -3.47
CA GLY B 73 31.77 0.92 -2.78
C GLY B 73 31.31 1.17 -1.35
N LEU B 74 31.78 2.25 -0.71
CA LEU B 74 31.47 2.42 0.71
C LEU B 74 30.03 2.89 0.90
N PRO B 75 29.43 2.56 2.05
CA PRO B 75 28.03 2.92 2.28
C PRO B 75 27.88 4.37 2.72
N PHE B 76 26.65 4.85 2.62
CA PHE B 76 26.36 6.22 2.98
C PHE B 76 26.55 6.41 4.48
N PRO B 77 26.93 7.61 4.90
CA PRO B 77 27.08 7.88 6.32
C PRO B 77 25.76 7.72 7.06
N ASN B 78 25.86 7.62 8.38
CA ASN B 78 24.67 7.74 9.21
C ASN B 78 24.56 9.12 9.81
N GLU B 79 25.27 10.11 9.27
CA GLU B 79 24.93 11.50 9.54
C GLU B 79 23.69 11.89 8.77
N ALA B 80 22.72 12.48 9.45
CA ALA B 80 21.71 13.21 8.73
C ALA B 80 22.29 14.58 8.38
N GLY B 81 21.90 15.10 7.22
CA GLY B 81 22.41 16.36 6.75
C GLY B 81 23.63 16.25 5.86
N TYR B 82 24.29 15.10 5.82
CA TYR B 82 25.53 14.96 5.06
C TYR B 82 25.39 15.47 3.62
N PHE B 83 24.36 15.01 2.91
CA PHE B 83 24.20 15.40 1.51
C PHE B 83 23.65 16.81 1.34
N GLU B 84 22.94 17.34 2.33
CA GLU B 84 22.39 18.68 2.19
C GLU B 84 23.46 19.78 2.29
N LYS B 85 24.53 19.55 3.06
CA LYS B 85 25.58 20.54 3.25
C LYS B 85 26.82 20.26 2.42
N ILE B 86 26.66 19.55 1.31
CA ILE B 86 27.72 19.46 0.30
C ILE B 86 27.88 20.82 -0.37
N PRO B 87 29.09 21.35 -0.48
CA PRO B 87 29.26 22.67 -1.11
C PRO B 87 29.49 22.55 -2.60
N VAL B 88 29.06 23.58 -3.33
CA VAL B 88 29.47 23.66 -4.73
C VAL B 88 30.99 23.63 -4.78
N GLY B 89 31.53 22.78 -5.64
CA GLY B 89 32.96 22.60 -5.70
C GLY B 89 33.50 21.43 -4.91
N HIS B 90 32.66 20.73 -4.15
CA HIS B 90 33.06 19.46 -3.56
C HIS B 90 33.73 18.59 -4.63
N PRO B 91 34.75 17.80 -4.27
CA PRO B 91 35.49 17.06 -5.31
C PRO B 91 34.74 15.90 -5.94
N GLU B 92 33.89 15.19 -5.21
CA GLU B 92 33.35 13.94 -5.74
C GLU B 92 31.84 13.92 -5.96
N LEU B 93 31.08 14.84 -5.35
CA LEU B 93 29.62 14.77 -5.32
C LEU B 93 29.02 16.14 -5.58
N LEU B 94 27.86 16.15 -6.24
CA LEU B 94 27.19 17.39 -6.57
C LEU B 94 26.51 18.01 -5.36
N SER B 95 26.70 19.33 -5.19
CA SER B 95 25.89 20.26 -4.43
C SER B 95 24.39 20.06 -4.66
N PRO B 96 23.53 20.38 -3.69
CA PRO B 96 22.09 20.48 -3.98
C PRO B 96 21.73 21.29 -5.23
N ILE B 97 22.25 22.51 -5.38
CA ILE B 97 21.81 23.33 -6.50
C ILE B 97 22.32 22.74 -7.81
N GLU B 98 23.51 22.12 -7.80
CA GLU B 98 23.98 21.47 -9.01
C GLU B 98 23.13 20.26 -9.37
N ARG B 99 22.47 19.65 -8.37
CA ARG B 99 21.56 18.55 -8.66
C ARG B 99 20.27 19.04 -9.32
N LEU B 100 19.80 20.25 -8.97
CA LEU B 100 18.66 20.80 -9.69
C LEU B 100 19.03 21.10 -11.14
N THR B 101 20.13 21.83 -11.36
CA THR B 101 20.55 22.16 -12.72
C THR B 101 21.10 20.95 -13.46
N GLY B 102 21.74 20.02 -12.74
CA GLY B 102 22.19 18.80 -13.41
C GLY B 102 21.06 17.94 -13.91
N SER B 103 19.84 18.16 -13.40
CA SER B 103 18.64 17.40 -13.77
C SER B 103 18.18 17.64 -15.20
N LYS B 104 18.55 18.76 -15.79
CA LYS B 104 18.02 19.24 -17.06
C LYS B 104 18.87 18.80 -18.24
N LYS B 105 19.23 17.53 -18.19
CA LYS B 105 19.87 16.79 -19.27
C LYS B 105 19.01 15.57 -19.55
N ILE B 106 19.24 14.96 -20.70
CA ILE B 106 18.63 13.69 -21.06
C ILE B 106 19.72 12.86 -21.69
N VAL B 107 19.91 11.64 -21.21
CA VAL B 107 20.94 10.76 -21.74
C VAL B 107 20.26 9.64 -22.51
N SER B 108 20.62 9.53 -23.79
CA SER B 108 20.00 8.66 -24.76
C SER B 108 20.98 7.57 -25.20
N SER B 109 20.46 6.38 -25.49
CA SER B 109 21.27 5.32 -26.08
C SER B 109 20.35 4.30 -26.72
N HIS B 110 20.83 3.68 -27.79
CA HIS B 110 20.05 2.69 -28.51
C HIS B 110 20.47 1.31 -27.99
N SER B 111 19.98 0.98 -26.81
CA SER B 111 20.50 -0.14 -26.05
C SER B 111 19.85 -1.46 -26.42
N LEU B 112 20.55 -2.54 -26.12
CA LEU B 112 20.00 -3.87 -26.27
C LEU B 112 19.11 -4.21 -25.09
N VAL B 113 18.03 -4.96 -25.35
CA VAL B 113 17.02 -5.28 -24.35
C VAL B 113 16.72 -6.76 -24.42
N THR B 114 16.92 -7.46 -23.31
CA THR B 114 16.77 -8.92 -23.27
C THR B 114 15.46 -9.40 -22.68
N ALA B 115 14.76 -8.59 -21.90
CA ALA B 115 13.47 -9.01 -21.37
C ALA B 115 12.62 -7.78 -21.06
N SER B 116 11.34 -8.03 -20.81
CA SER B 116 10.45 -6.99 -20.29
C SER B 116 9.93 -7.47 -18.94
N GLY B 117 9.60 -6.52 -18.08
CA GLY B 117 8.98 -6.86 -16.82
C GLY B 117 9.99 -7.20 -15.73
N GLY B 118 9.45 -7.67 -14.60
CA GLY B 118 10.25 -8.02 -13.44
C GLY B 118 10.00 -7.15 -12.23
N TYR B 119 9.39 -5.96 -12.41
CA TYR B 119 9.03 -5.06 -11.34
C TYR B 119 7.66 -4.48 -11.69
N PRO B 120 6.72 -4.44 -10.72
CA PRO B 120 6.84 -4.99 -9.37
C PRO B 120 6.49 -6.48 -9.29
N LEU B 121 5.96 -6.90 -8.14
CA LEU B 121 5.58 -8.29 -7.92
C LEU B 121 4.57 -8.76 -8.94
N THR B 122 3.67 -7.87 -9.35
CA THR B 122 2.56 -8.17 -10.24
C THR B 122 2.96 -8.25 -11.71
N ASN B 123 4.18 -7.84 -12.07
CA ASN B 123 4.64 -7.77 -13.46
C ASN B 123 5.71 -8.82 -13.76
N PRO B 124 5.36 -9.97 -14.32
CA PRO B 124 6.33 -11.06 -14.43
C PRO B 124 7.43 -10.75 -15.44
N LEU B 125 8.60 -11.34 -15.19
CA LEU B 125 9.77 -11.16 -16.05
C LEU B 125 9.65 -12.09 -17.26
N LEU B 126 9.49 -11.52 -18.45
CA LEU B 126 9.32 -12.29 -19.68
C LEU B 126 10.45 -11.99 -20.64
N PRO B 127 11.30 -12.96 -20.94
CA PRO B 127 12.47 -12.67 -21.80
C PRO B 127 12.11 -12.61 -23.26
N TYR B 128 12.88 -11.79 -23.97
CA TYR B 128 12.72 -11.72 -25.41
C TYR B 128 13.30 -12.96 -26.07
N ARG B 129 12.66 -13.29 -27.17
CA ARG B 129 12.92 -14.50 -27.91
C ARG B 129 14.31 -14.45 -28.57
N LYS B 130 14.66 -13.32 -29.19
CA LYS B 130 15.97 -12.73 -29.49
C LYS B 130 16.04 -11.29 -29.00
N PRO B 131 17.16 -10.84 -28.40
CA PRO B 131 17.23 -9.46 -27.90
C PRO B 131 16.90 -8.44 -28.99
N ILE B 132 16.25 -7.35 -28.59
CA ILE B 132 15.84 -6.27 -29.49
C ILE B 132 16.61 -5.00 -29.12
N ARG B 133 16.37 -3.93 -29.86
CA ARG B 133 17.06 -2.66 -29.65
C ARG B 133 16.03 -1.56 -29.42
N VAL B 134 16.11 -0.91 -28.26
CA VAL B 134 15.23 0.17 -27.86
C VAL B 134 16.06 1.41 -27.51
N SER B 135 15.64 2.58 -27.99
CA SER B 135 16.28 3.82 -27.58
C SER B 135 15.71 4.28 -26.24
N ILE B 136 16.57 4.36 -25.23
CA ILE B 136 16.17 4.62 -23.86
C ILE B 136 16.62 6.01 -23.45
N PHE B 137 15.67 6.83 -23.04
CA PHE B 137 15.88 8.24 -22.75
C PHE B 137 15.85 8.43 -21.25
N SER B 138 17.01 8.66 -20.63
CA SER B 138 17.08 8.78 -19.17
C SER B 138 16.91 10.23 -18.77
N LEU B 139 15.93 10.47 -17.91
CA LEU B 139 15.76 11.81 -17.37
C LEU B 139 15.25 11.67 -15.95
N ALA B 140 15.72 12.58 -15.10
CA ALA B 140 15.32 12.63 -13.71
C ALA B 140 14.26 13.71 -13.52
N GLY B 141 13.26 13.41 -12.70
CA GLY B 141 12.20 14.35 -12.42
C GLY B 141 12.39 15.08 -11.12
N PRO B 142 11.42 15.93 -10.76
CA PRO B 142 11.44 16.56 -9.45
C PRO B 142 11.41 15.52 -8.33
N SER B 143 12.16 15.79 -7.27
CA SER B 143 12.22 14.94 -6.09
C SER B 143 11.77 15.74 -4.87
N PHE B 144 10.76 15.25 -4.16
CA PHE B 144 10.28 15.90 -2.94
C PHE B 144 10.61 15.11 -1.68
N GLU B 145 11.35 14.00 -1.78
CA GLU B 145 11.62 13.16 -0.63
C GLU B 145 12.27 13.94 0.52
N ASN B 146 13.29 14.72 0.22
CA ASN B 146 13.95 15.56 1.19
C ASN B 146 13.54 17.00 0.93
N ASN B 147 14.12 17.94 1.67
CA ASN B 147 13.61 19.30 1.60
C ASN B 147 14.65 20.30 1.09
N TYR B 148 15.70 19.83 0.42
CA TYR B 148 16.69 20.71 -0.16
C TYR B 148 16.83 20.61 -1.69
N LEU B 149 16.02 19.80 -2.36
CA LEU B 149 15.94 19.78 -3.81
C LEU B 149 14.62 20.46 -4.23
N HIS B 150 13.78 19.83 -5.05
CA HIS B 150 12.66 20.56 -5.66
C HIS B 150 11.65 21.08 -4.64
N TYR B 151 11.63 20.57 -3.42
CA TYR B 151 10.78 21.19 -2.39
C TYR B 151 11.09 22.67 -2.24
N ARG B 152 12.32 23.10 -2.55
CA ARG B 152 12.67 24.51 -2.35
C ARG B 152 12.24 25.41 -3.50
N LEU B 153 11.47 24.88 -4.45
CA LEU B 153 10.97 25.65 -5.59
C LEU B 153 9.46 25.77 -5.66
N PHE B 154 8.71 24.84 -5.09
CA PHE B 154 7.28 24.73 -5.37
C PHE B 154 6.36 24.71 -4.15
N LEU B 155 6.89 24.80 -2.93
CA LEU B 155 6.05 24.81 -1.74
C LEU B 155 6.34 26.04 -0.88
N LEU B 156 5.30 26.52 -0.23
CA LEU B 156 5.40 27.58 0.76
C LEU B 156 4.79 27.06 2.05
N ASP B 157 5.51 27.21 3.16
CA ASP B 157 5.02 26.84 4.48
C ASP B 157 5.53 27.85 5.50
N SER B 158 5.25 27.57 6.78
CA SER B 158 5.70 28.45 7.87
C SER B 158 7.21 28.46 8.04
N VAL B 159 7.91 27.44 7.55
CA VAL B 159 9.34 27.28 7.81
C VAL B 159 10.20 27.87 6.69
N GLN B 160 9.93 27.51 5.43
CA GLN B 160 10.54 28.24 4.31
C GLN B 160 9.41 29.07 3.70
N LYS B 161 9.26 30.29 4.22
CA LYS B 161 8.15 31.14 3.83
C LYS B 161 8.39 31.88 2.54
N ILE B 162 9.54 31.65 1.91
CA ILE B 162 9.93 32.35 0.68
C ILE B 162 10.80 31.42 -0.16
N ILE B 163 10.55 31.44 -1.49
CA ILE B 163 11.36 30.73 -2.46
C ILE B 163 12.55 31.61 -2.83
N ASP B 164 13.70 30.98 -3.07
CA ASP B 164 14.94 31.76 -3.12
C ASP B 164 15.67 31.70 -4.45
N SER B 165 15.69 30.56 -5.10
CA SER B 165 16.72 30.29 -6.10
C SER B 165 16.72 31.34 -7.21
N PRO B 166 17.88 31.87 -7.57
CA PRO B 166 17.96 32.77 -8.74
C PRO B 166 18.08 32.07 -10.09
N LEU B 167 18.53 30.80 -10.14
CA LEU B 167 18.59 30.10 -11.43
C LEU B 167 17.20 29.78 -11.98
N PHE B 168 16.18 29.74 -11.12
CA PHE B 168 14.82 29.40 -11.50
C PHE B 168 13.88 30.58 -11.33
N SER B 169 14.45 31.79 -11.20
CA SER B 169 13.77 33.07 -11.27
C SER B 169 12.56 33.00 -12.20
N HIS B 170 12.78 32.55 -13.43
CA HIS B 170 11.77 32.67 -14.48
C HIS B 170 10.51 31.86 -14.18
N LEU B 171 10.64 30.76 -13.41
CA LEU B 171 9.46 29.94 -13.11
C LEU B 171 8.37 30.71 -12.39
N HIS B 172 8.75 31.70 -11.58
CA HIS B 172 7.82 32.41 -10.72
C HIS B 172 7.42 33.79 -11.24
N ASP B 173 7.95 34.21 -12.40
CA ASP B 173 7.76 35.58 -12.86
C ASP B 173 6.28 35.86 -13.05
N GLY B 174 5.79 36.89 -12.37
CA GLY B 174 4.36 37.11 -12.37
C GLY B 174 3.62 36.30 -11.32
N LEU B 175 4.33 35.63 -10.42
CA LEU B 175 3.72 34.74 -9.45
C LEU B 175 4.24 34.96 -8.05
N PRO B 176 3.44 34.66 -7.02
CA PRO B 176 3.88 34.92 -5.65
C PRO B 176 4.90 33.91 -5.18
N ILE B 177 5.75 34.36 -4.27
CA ILE B 177 6.81 33.51 -3.73
C ILE B 177 6.92 33.70 -2.22
N GLN B 178 5.90 34.26 -1.60
CA GLN B 178 5.90 34.49 -0.15
C GLN B 178 4.67 33.85 0.48
N PHE B 179 4.88 33.17 1.61
CA PHE B 179 3.82 32.31 2.17
C PHE B 179 2.61 33.12 2.60
N ASP B 180 2.84 34.21 3.32
CA ASP B 180 1.71 34.99 3.83
C ASP B 180 1.01 35.75 2.73
N GLU B 181 1.76 36.19 1.72
CA GLU B 181 1.11 36.84 0.58
C GLU B 181 0.24 35.84 -0.17
N ALA B 182 0.67 34.58 -0.20
CA ALA B 182 -0.12 33.51 -0.81
C ALA B 182 -1.37 33.18 0.02
N LYS B 183 -1.24 33.12 1.36
CA LYS B 183 -2.40 32.81 2.21
C LYS B 183 -3.50 33.84 2.08
N LYS B 184 -3.12 35.09 1.84
CA LYS B 184 -4.12 36.14 1.74
C LYS B 184 -4.76 36.19 0.36
N GLU B 185 -3.98 35.97 -0.70
CA GLU B 185 -4.58 35.94 -2.04
C GLU B 185 -5.47 34.72 -2.25
N LEU B 186 -5.24 33.63 -1.52
CA LEU B 186 -6.20 32.53 -1.58
C LEU B 186 -7.48 32.86 -0.83
N GLY B 187 -7.40 33.69 0.21
CA GLY B 187 -8.58 34.02 0.96
C GLY B 187 -9.14 32.86 1.76
N GLU B 188 -10.43 32.59 1.56
CA GLU B 188 -11.12 31.47 2.18
C GLU B 188 -11.19 30.26 1.24
N TYR B 189 -10.43 30.28 0.14
CA TYR B 189 -10.40 29.21 -0.85
C TYR B 189 -9.05 28.51 -0.92
N ASP B 190 -9.09 27.29 -1.42
CA ASP B 190 -7.89 26.46 -1.46
C ASP B 190 -7.18 26.49 -2.80
N THR B 191 -7.91 26.75 -3.89
CA THR B 191 -7.33 26.67 -5.21
C THR B 191 -7.46 28.02 -5.90
N ASN B 192 -6.83 28.12 -7.06
CA ASN B 192 -6.61 29.36 -7.77
C ASN B 192 -5.87 28.97 -9.05
N LYS B 193 -5.86 29.86 -10.04
CA LYS B 193 -5.26 29.51 -11.32
C LYS B 193 -3.76 29.31 -11.22
N LEU B 194 -3.17 29.59 -10.06
CA LEU B 194 -1.72 29.56 -9.93
C LEU B 194 -1.21 28.77 -8.72
N ALA B 196 -2.31 26.09 -5.01
CA ALA B 196 -3.30 25.28 -4.33
C ALA B 196 -2.76 24.86 -2.97
N ARG B 197 -3.60 24.94 -1.95
CA ARG B 197 -3.32 24.20 -0.73
C ARG B 197 -3.43 22.71 -1.03
N ILE B 198 -2.69 21.90 -0.28
CA ILE B 198 -2.58 20.48 -0.57
C ILE B 198 -3.54 19.69 0.32
N ARG B 199 -4.46 18.97 -0.30
CA ARG B 199 -5.33 18.02 0.38
C ARG B 199 -4.90 16.60 0.01
N LEU B 200 -4.65 15.77 1.02
CA LEU B 200 -4.37 14.35 0.82
C LEU B 200 -5.64 13.56 1.09
N GLY B 201 -6.60 13.68 0.17
CA GLY B 201 -7.97 13.25 0.42
C GLY B 201 -8.79 14.35 1.10
N PHE B 202 -9.16 14.12 2.36
CA PHE B 202 -9.97 15.11 3.07
C PHE B 202 -9.13 16.10 3.88
N PRO B 203 -8.07 15.68 4.57
CA PRO B 203 -7.28 16.63 5.35
C PRO B 203 -6.29 17.42 4.49
N TYR B 204 -5.80 18.51 5.10
CA TYR B 204 -4.75 19.36 4.58
C TYR B 204 -3.39 18.80 4.98
N LEU B 205 -2.41 19.00 4.11
CA LEU B 205 -1.04 18.81 4.52
C LEU B 205 -0.54 20.13 5.09
N ALA B 206 -0.02 20.09 6.31
CA ALA B 206 0.36 21.30 7.00
C ALA B 206 1.70 21.09 7.68
N ARG B 207 2.32 22.20 8.08
CA ARG B 207 3.67 22.16 8.66
C ARG B 207 3.75 23.14 9.82
N PHE B 208 4.16 22.64 10.98
CA PHE B 208 4.41 23.51 12.13
C PHE B 208 5.63 24.37 11.87
N SER B 209 5.60 25.60 12.42
CA SER B 209 6.80 26.43 12.41
C SER B 209 7.96 25.69 13.05
N SER B 210 7.66 24.80 14.00
CA SER B 210 8.65 23.93 14.62
C SER B 210 9.41 23.08 13.58
N GLY B 211 8.74 22.69 12.50
CA GLY B 211 9.43 22.02 11.41
C GLY B 211 8.72 20.76 10.93
N GLY B 212 7.75 20.30 11.72
CA GLY B 212 7.15 19.00 11.48
C GLY B 212 5.94 19.06 10.57
N PHE B 213 5.72 17.96 9.85
CA PHE B 213 4.58 17.82 8.96
C PHE B 213 3.51 16.97 9.61
N TYR B 214 2.26 17.39 9.47
CA TYR B 214 1.12 16.67 10.02
C TYR B 214 -0.10 16.92 9.14
N PRO B 215 -1.01 15.95 9.04
CA PRO B 215 -2.32 16.21 8.43
C PRO B 215 -3.20 17.02 9.37
N SER B 216 -4.04 17.86 8.78
CA SER B 216 -4.85 18.80 9.55
C SER B 216 -6.23 18.93 8.91
N PHE B 217 -7.21 19.31 9.72
CA PHE B 217 -8.52 19.64 9.21
C PHE B 217 -8.71 21.15 9.08
N SER B 218 -7.74 21.91 9.60
CA SER B 218 -7.70 23.37 9.52
C SER B 218 -6.62 23.85 8.55
N LYS B 219 -7.02 24.70 7.60
CA LYS B 219 -6.13 25.41 6.66
C LYS B 219 -5.02 26.25 7.30
N SER B 220 -4.95 26.33 8.63
CA SER B 220 -4.12 27.35 9.27
C SER B 220 -2.65 27.24 8.89
N ASN B 221 -2.11 26.03 8.92
CA ASN B 221 -0.71 25.79 8.59
C ASN B 221 -0.56 25.01 7.28
N ALA B 222 -1.64 24.90 6.51
CA ALA B 222 -1.64 24.14 5.26
C ALA B 222 -0.63 24.67 4.27
N ILE B 223 0.30 23.81 3.82
CA ILE B 223 1.31 24.28 2.89
C ILE B 223 0.68 24.54 1.51
N ILE B 224 1.33 25.38 0.73
CA ILE B 224 0.77 25.86 -0.52
C ILE B 224 1.67 25.43 -1.68
N PHE B 225 1.07 24.85 -2.71
CA PHE B 225 1.79 24.34 -3.87
C PHE B 225 1.71 25.33 -5.02
N LEU B 226 2.86 25.73 -5.54
CA LEU B 226 2.94 26.69 -6.64
C LEU B 226 2.77 25.93 -7.95
N SER B 227 1.51 25.70 -8.30
CA SER B 227 1.20 24.82 -9.41
C SER B 227 1.61 25.43 -10.75
N GLU B 228 1.41 26.73 -10.94
CA GLU B 228 1.82 27.30 -12.22
C GLU B 228 3.33 27.26 -12.40
N ALA B 229 4.09 27.35 -11.32
CA ALA B 229 5.53 27.24 -11.46
C ALA B 229 5.93 25.80 -11.77
N TYR B 230 5.29 24.83 -11.12
CA TYR B 230 5.60 23.44 -11.43
C TYR B 230 5.23 23.11 -12.86
N PHE B 231 4.10 23.65 -13.31
CA PHE B 231 3.73 23.48 -14.72
C PHE B 231 4.83 24.01 -15.62
N ARG B 232 5.35 25.21 -15.31
CA ARG B 232 6.39 25.80 -16.14
C ARG B 232 7.63 24.93 -16.17
N TYR B 233 8.01 24.35 -15.02
CA TYR B 233 9.17 23.45 -14.98
C TYR B 233 8.94 22.21 -15.83
N GLN B 234 7.76 21.58 -15.69
CA GLN B 234 7.45 20.39 -16.48
C GLN B 234 7.50 20.69 -17.98
N LEU B 235 7.06 21.90 -18.37
CA LEU B 235 7.15 22.28 -19.78
C LEU B 235 8.58 22.22 -20.30
N GLU B 236 9.55 22.74 -19.55
CA GLU B 236 10.93 22.67 -20.03
C GLU B 236 11.42 21.23 -20.09
N ASP B 237 10.99 20.38 -19.16
CA ASP B 237 11.52 19.02 -19.18
C ASP B 237 10.87 18.21 -20.29
N VAL B 238 9.55 18.31 -20.47
CA VAL B 238 8.89 17.53 -21.50
C VAL B 238 9.28 18.04 -22.89
N SER B 239 9.40 19.36 -23.06
CA SER B 239 9.79 19.88 -24.38
C SER B 239 11.22 19.46 -24.73
N LEU B 240 12.12 19.38 -23.76
CA LEU B 240 13.43 18.81 -24.05
C LEU B 240 13.30 17.35 -24.48
N LEU B 241 12.50 16.57 -23.75
CA LEU B 241 12.37 15.16 -24.07
C LEU B 241 11.74 14.95 -25.45
N LEU B 242 10.65 15.66 -25.73
CA LEU B 242 10.01 15.52 -27.04
C LEU B 242 10.94 15.91 -28.18
N ALA B 243 11.72 16.97 -28.02
CA ALA B 243 12.67 17.37 -29.05
C ALA B 243 13.72 16.28 -29.29
N SER B 244 14.21 15.65 -28.22
CA SER B 244 15.30 14.69 -28.38
C SER B 244 14.85 13.37 -28.96
N VAL B 245 13.64 12.94 -28.63
CA VAL B 245 13.09 11.75 -29.25
C VAL B 245 12.85 12.02 -30.72
N ASN B 246 12.30 13.18 -31.04
CA ASN B 246 12.05 13.54 -32.43
C ASN B 246 13.35 13.54 -33.24
N GLN B 247 14.41 14.14 -32.70
CA GLN B 247 15.69 14.15 -33.41
C GLN B 247 16.23 12.74 -33.63
N THR B 248 16.07 11.87 -32.62
CA THR B 248 16.58 10.51 -32.75
C THR B 248 15.88 9.76 -33.87
N GLY B 249 14.55 9.90 -33.96
CA GLY B 249 13.83 9.26 -35.04
C GLY B 249 14.17 9.83 -36.40
N LYS B 250 14.21 11.16 -36.52
CA LYS B 250 14.60 11.80 -37.77
C LYS B 250 15.89 11.21 -38.30
N GLU B 251 16.90 11.07 -37.43
CA GLU B 251 18.21 10.54 -37.83
C GLU B 251 18.19 9.05 -38.13
N THR B 252 17.08 8.35 -37.86
CA THR B 252 16.93 6.97 -38.30
C THR B 252 15.98 6.84 -39.48
N GLY B 253 15.24 7.89 -39.82
CA GLY B 253 14.24 7.73 -40.84
C GLY B 253 13.07 6.86 -40.43
N LYS B 254 12.85 6.65 -39.13
CA LYS B 254 11.60 6.08 -38.62
C LYS B 254 10.98 6.99 -37.57
N ALA B 255 9.67 6.88 -37.42
CA ALA B 255 8.99 7.60 -36.37
C ALA B 255 8.93 6.74 -35.13
N ALA B 256 9.02 7.38 -33.97
CA ALA B 256 9.14 6.64 -32.73
C ALA B 256 7.77 6.23 -32.19
N LEU B 257 7.73 5.04 -31.59
CA LEU B 257 6.70 4.65 -30.63
C LEU B 257 7.32 4.91 -29.26
N LEU B 258 6.95 6.03 -28.64
CA LEU B 258 7.54 6.50 -27.39
C LEU B 258 6.71 6.02 -26.22
N LYS B 259 7.35 5.27 -25.31
CA LYS B 259 6.74 4.89 -24.04
C LYS B 259 7.03 5.99 -23.02
N ALA B 260 6.01 6.77 -22.66
CA ALA B 260 6.20 7.90 -21.75
C ALA B 260 5.95 7.46 -20.32
N THR B 261 6.96 6.76 -19.77
CA THR B 261 6.94 6.36 -18.37
C THR B 261 6.73 7.55 -17.44
N ALA B 262 5.90 7.35 -16.42
CA ALA B 262 5.71 8.40 -15.42
C ALA B 262 7.01 8.69 -14.69
N VAL B 263 7.35 9.97 -14.59
CA VAL B 263 8.60 10.42 -14.01
C VAL B 263 8.33 11.12 -12.68
N GLY B 264 9.20 10.88 -11.70
CA GLY B 264 9.08 11.55 -10.41
C GLY B 264 7.80 11.29 -9.65
N GLY B 266 6.09 7.85 -7.35
CA GLY B 266 6.71 6.91 -6.42
C GLY B 266 7.24 7.63 -5.20
N PHE B 267 8.48 7.28 -4.81
CA PHE B 267 9.07 7.84 -3.61
C PHE B 267 9.46 9.30 -3.77
N PHE B 268 9.68 9.77 -4.99
CA PHE B 268 10.05 11.17 -5.21
C PHE B 268 8.88 12.10 -4.98
N ALA B 269 7.66 11.56 -4.85
CA ALA B 269 6.46 12.36 -4.71
C ALA B 269 5.84 12.26 -3.31
N LYS B 270 6.67 11.97 -2.30
CA LYS B 270 6.23 11.84 -0.92
C LYS B 270 6.93 12.90 -0.11
N ILE B 271 6.18 13.94 0.28
CA ILE B 271 6.76 14.98 1.13
C ILE B 271 7.13 14.40 2.49
N ASP B 272 8.37 14.66 2.93
CA ASP B 272 8.89 14.14 4.19
C ASP B 272 8.92 12.61 4.17
N CYS B 273 9.03 12.02 2.97
CA CYS B 273 8.94 10.56 2.75
C CYS B 273 7.68 9.94 3.36
N GLY B 274 6.57 10.67 3.33
CA GLY B 274 5.37 10.15 3.94
C GLY B 274 4.05 10.52 3.29
N TYR B 275 3.91 11.76 2.84
CA TYR B 275 2.63 12.29 2.36
C TYR B 275 2.68 12.33 0.83
N ASP B 276 2.02 11.36 0.21
CA ASP B 276 2.11 11.15 -1.23
C ASP B 276 1.34 12.23 -1.98
N ILE B 277 1.96 12.85 -2.97
CA ILE B 277 1.29 13.90 -3.73
C ILE B 277 1.22 13.60 -5.22
N GLN B 278 1.46 12.34 -5.65
CA GLN B 278 1.30 12.01 -7.07
C GLN B 278 -0.05 12.50 -7.60
N HIS B 279 -1.13 12.25 -6.85
CA HIS B 279 -2.44 12.62 -7.37
C HIS B 279 -2.54 14.11 -7.65
N ILE B 280 -1.61 14.90 -7.14
CA ILE B 280 -1.62 16.34 -7.35
C ILE B 280 -0.71 16.75 -8.50
N ILE B 281 0.47 16.14 -8.61
CA ILE B 281 1.40 16.58 -9.64
C ILE B 281 1.22 15.87 -10.98
N PHE B 282 0.77 14.62 -10.98
CA PHE B 282 0.56 13.92 -12.25
C PHE B 282 -0.27 14.71 -13.26
N PRO B 283 -1.38 15.40 -12.89
CA PRO B 283 -2.08 16.19 -13.93
C PRO B 283 -1.20 17.25 -14.57
N TYR B 284 -0.30 17.88 -13.82
CA TYR B 284 0.56 18.88 -14.44
C TYR B 284 1.58 18.24 -15.37
N TYR B 285 2.07 17.05 -15.04
CA TYR B 285 2.89 16.28 -15.97
C TYR B 285 2.13 16.03 -17.29
N LEU B 286 0.88 15.58 -17.19
CA LEU B 286 0.10 15.23 -18.37
C LEU B 286 -0.27 16.46 -19.18
N ARG B 287 -0.49 17.61 -18.51
CA ARG B 287 -0.84 18.80 -19.28
C ARG B 287 0.37 19.34 -20.03
N ALA B 288 1.57 19.10 -19.51
CA ALA B 288 2.76 19.50 -20.24
C ALA B 288 2.78 18.81 -21.60
N TYR B 289 2.54 17.50 -21.63
CA TYR B 289 2.45 16.79 -22.90
C TYR B 289 1.32 17.35 -23.76
N LYS B 290 0.14 17.54 -23.18
CA LYS B 290 -1.01 18.02 -23.95
C LYS B 290 -0.71 19.36 -24.62
N LYS B 291 -0.16 20.31 -23.87
CA LYS B 291 0.12 21.61 -24.47
C LYS B 291 1.13 21.49 -25.58
N LEU B 292 2.23 20.79 -25.33
CA LEU B 292 3.29 20.73 -26.32
C LEU B 292 2.84 19.98 -27.57
N LEU B 293 2.10 18.88 -27.39
CA LEU B 293 1.59 18.11 -28.53
C LEU B 293 0.50 18.85 -29.29
N SER B 294 -0.23 19.75 -28.64
CA SER B 294 -1.24 20.53 -29.34
C SER B 294 -0.66 21.73 -30.08
N GLU B 295 0.59 22.11 -29.81
CA GLU B 295 1.14 23.33 -30.38
C GLU B 295 2.29 23.09 -31.34
N HIS B 296 2.83 21.87 -31.43
CA HIS B 296 3.97 21.58 -32.27
C HIS B 296 3.75 20.28 -33.03
N LYS B 297 4.36 20.21 -34.21
CA LYS B 297 4.44 18.97 -34.95
C LYS B 297 5.71 18.27 -34.49
N PHE B 298 5.60 16.97 -34.24
CA PHE B 298 6.74 16.14 -33.88
C PHE B 298 6.66 15.03 -34.94
N PRO B 299 7.08 15.35 -36.17
CA PRO B 299 6.83 14.43 -37.29
C PRO B 299 7.48 13.08 -37.14
N TRP B 300 8.45 12.92 -36.24
CA TRP B 300 9.15 11.64 -36.08
C TRP B 300 8.75 10.93 -34.80
N ILE B 301 7.65 11.37 -34.20
CA ILE B 301 7.04 10.70 -33.09
C ILE B 301 5.68 10.32 -33.62
N ALA B 302 5.51 9.03 -33.93
CA ALA B 302 4.22 8.57 -34.44
C ALA B 302 3.19 8.54 -33.32
N LYS B 303 3.52 7.86 -32.21
CA LYS B 303 2.60 7.66 -31.11
C LYS B 303 3.37 7.85 -29.81
N ILE B 304 2.68 8.36 -28.79
CA ILE B 304 3.19 8.34 -27.42
C ILE B 304 2.23 7.52 -26.59
N GLU B 305 2.76 6.52 -25.89
CA GLU B 305 1.95 5.59 -25.11
C GLU B 305 2.32 5.74 -23.64
N PHE B 306 1.31 6.05 -22.81
CA PHE B 306 1.51 6.25 -21.38
C PHE B 306 1.15 4.98 -20.64
N PRO B 307 2.11 4.25 -20.09
CA PRO B 307 1.79 3.10 -19.22
C PRO B 307 1.30 3.60 -17.87
N ILE B 308 0.02 3.41 -17.60
CA ILE B 308 -0.61 3.92 -16.39
C ILE B 308 -1.39 2.79 -15.73
N PHE B 309 -1.03 2.45 -14.49
CA PHE B 309 -1.70 1.37 -13.80
C PHE B 309 -2.54 1.82 -12.62
N ASN B 310 -2.32 3.01 -12.12
CA ASN B 310 -3.05 3.48 -10.96
C ASN B 310 -4.40 4.01 -11.45
N GLU B 311 -5.47 3.63 -10.75
CA GLU B 311 -6.82 3.96 -11.21
C GLU B 311 -7.08 5.45 -11.17
N ILE B 312 -6.42 6.17 -10.28
CA ILE B 312 -6.63 7.62 -10.21
C ILE B 312 -5.94 8.30 -11.37
N GLN B 313 -4.68 7.93 -11.64
CA GLN B 313 -3.99 8.50 -12.78
C GLN B 313 -4.68 8.13 -14.08
N GLN B 314 -5.15 6.89 -14.19
CA GLN B 314 -5.90 6.44 -15.36
C GLN B 314 -7.03 7.42 -15.68
N GLU B 315 -7.84 7.75 -14.69
CA GLU B 315 -8.95 8.66 -14.94
C GLU B 315 -8.46 10.07 -15.24
N GLN B 316 -7.44 10.54 -14.50
CA GLN B 316 -6.86 11.85 -14.77
C GLN B 316 -6.43 11.97 -16.23
N PHE B 317 -5.71 10.94 -16.72
CA PHE B 317 -5.34 10.92 -18.12
C PHE B 317 -6.57 10.98 -19.02
N ASP B 318 -7.58 10.16 -18.72
CA ASP B 318 -8.75 10.11 -19.59
C ASP B 318 -9.43 11.47 -19.67
N SER B 319 -9.43 12.20 -18.57
CA SER B 319 -10.10 13.50 -18.50
C SER B 319 -9.30 14.61 -19.17
N ILE B 320 -7.99 14.56 -19.07
CA ILE B 320 -7.17 15.63 -19.63
C ILE B 320 -7.01 15.49 -21.15
N PHE B 321 -7.11 14.27 -21.67
CA PHE B 321 -6.91 14.00 -23.09
C PHE B 321 -8.23 13.74 -23.82
N GLU B 322 -9.35 13.99 -23.16
CA GLU B 322 -10.67 13.86 -23.79
C GLU B 322 -10.77 14.67 -25.07
N ASP B 323 -10.29 15.91 -25.04
CA ASP B 323 -10.41 16.83 -26.15
C ASP B 323 -9.17 16.89 -27.04
N TYR B 324 -8.13 16.07 -26.76
CA TYR B 324 -6.86 16.27 -27.44
C TYR B 324 -6.99 16.04 -28.94
N ASP B 325 -6.50 17.01 -29.71
CA ASP B 325 -6.67 17.09 -31.16
C ASP B 325 -5.38 16.99 -31.95
N GLY B 326 -4.22 17.16 -31.30
CA GLY B 326 -2.95 17.29 -31.97
C GLY B 326 -2.56 16.16 -32.90
N PRO B 327 -1.50 16.40 -33.69
CA PRO B 327 -1.13 15.42 -34.74
C PRO B 327 -0.39 14.19 -34.23
N THR B 328 0.16 14.21 -33.01
CA THR B 328 0.75 12.98 -32.45
C THR B 328 -0.33 12.18 -31.70
N LYS B 329 -0.50 10.94 -32.12
CA LYS B 329 -1.49 10.02 -31.52
C LYS B 329 -1.10 9.69 -30.08
N VAL B 330 -2.09 9.67 -29.18
CA VAL B 330 -1.79 9.54 -27.75
C VAL B 330 -2.76 8.57 -27.09
N TYR B 331 -2.24 7.63 -26.32
CA TYR B 331 -3.10 6.66 -25.65
C TYR B 331 -2.40 6.15 -24.41
N ARG B 332 -3.19 5.54 -23.53
CA ARG B 332 -2.66 4.90 -22.34
C ARG B 332 -2.82 3.39 -22.45
N SER B 333 -2.02 2.67 -21.70
CA SER B 333 -2.08 1.21 -21.72
C SER B 333 -1.63 0.68 -20.37
N THR B 334 -1.68 -0.64 -20.22
CA THR B 334 -1.17 -1.33 -19.04
C THR B 334 -0.02 -2.26 -19.40
N ARG B 335 0.70 -1.92 -20.45
CA ARG B 335 1.81 -2.72 -20.95
C ARG B 335 3.12 -2.26 -20.32
N ASP B 336 4.04 -3.21 -20.15
CA ASP B 336 5.33 -2.87 -19.59
C ASP B 336 6.10 -1.90 -20.49
N VAL B 337 7.01 -1.16 -19.87
CA VAL B 337 7.76 -0.13 -20.58
C VAL B 337 8.56 -0.74 -21.71
N LEU B 338 9.19 -1.89 -21.45
CA LEU B 338 10.11 -2.53 -22.37
C LEU B 338 9.45 -3.62 -23.21
N GLU B 339 8.12 -3.70 -23.25
CA GLU B 339 7.42 -4.72 -24.00
C GLU B 339 6.94 -4.10 -25.31
N PHE B 340 7.45 -4.61 -26.42
CA PHE B 340 6.97 -4.22 -27.74
C PHE B 340 6.63 -5.46 -28.55
N ARG B 341 5.59 -5.35 -29.37
CA ARG B 341 5.28 -6.41 -30.32
C ARG B 341 6.22 -6.31 -31.50
N GLU B 342 6.35 -7.40 -32.25
CA GLU B 342 7.37 -7.40 -33.29
C GLU B 342 6.91 -6.81 -34.61
N GLU B 343 5.60 -6.64 -34.79
CA GLU B 343 5.15 -5.75 -35.85
C GLU B 343 5.45 -4.29 -35.49
N GLU B 344 5.40 -3.96 -34.20
CA GLU B 344 5.75 -2.61 -33.75
C GLU B 344 7.23 -2.33 -33.93
N ILE B 345 8.08 -3.31 -33.63
CA ILE B 345 9.53 -3.08 -33.68
C ILE B 345 9.98 -2.78 -35.09
N GLU B 346 9.38 -3.45 -36.08
CA GLU B 346 9.73 -3.17 -37.47
C GLU B 346 9.14 -1.83 -37.93
N LYS B 347 7.88 -1.54 -37.56
CA LYS B 347 7.20 -0.36 -38.06
C LYS B 347 7.80 0.93 -37.50
N TYR B 348 8.17 0.95 -36.21
CA TYR B 348 8.50 2.18 -35.50
C TYR B 348 9.89 2.09 -34.90
N LEU B 349 10.44 3.26 -34.57
CA LEU B 349 11.62 3.28 -33.71
C LEU B 349 11.14 3.08 -32.27
N PRO B 350 11.43 1.94 -31.65
CA PRO B 350 10.96 1.74 -30.27
C PRO B 350 11.71 2.68 -29.36
N ALA B 351 10.96 3.35 -28.47
CA ALA B 351 11.52 4.37 -27.60
C ALA B 351 10.80 4.30 -26.26
N ALA B 352 11.56 4.53 -25.19
CA ALA B 352 11.07 4.39 -23.82
C ALA B 352 11.81 5.38 -22.94
N ILE B 353 11.11 5.90 -21.95
CA ILE B 353 11.71 6.78 -20.96
C ILE B 353 12.23 5.93 -19.81
N ASN B 354 13.48 6.20 -19.41
CA ASN B 354 14.01 5.66 -18.16
C ASN B 354 13.87 6.70 -17.07
N PRO B 355 13.01 6.52 -16.07
CA PRO B 355 12.93 7.49 -14.98
C PRO B 355 14.15 7.42 -14.08
N SER B 356 15.08 8.35 -14.25
CA SER B 356 16.40 8.19 -13.68
C SER B 356 16.54 9.00 -12.39
N ASP B 357 17.53 8.62 -11.60
CA ASP B 357 17.94 9.39 -10.42
C ASP B 357 19.12 10.24 -10.87
N ALA B 358 18.99 11.56 -10.67
CA ALA B 358 20.05 12.47 -11.09
C ALA B 358 21.30 12.36 -10.23
N PHE B 359 21.20 11.73 -9.06
CA PHE B 359 22.29 11.67 -8.11
C PHE B 359 22.86 10.26 -7.99
N ALA B 360 22.60 9.40 -8.98
CA ALA B 360 23.17 8.06 -9.02
C ALA B 360 23.46 7.66 -10.45
N LEU B 361 24.42 6.75 -10.60
CA LEU B 361 24.72 6.16 -11.91
C LEU B 361 23.46 5.54 -12.51
N THR B 362 23.29 5.71 -13.81
CA THR B 362 22.15 5.13 -14.51
C THR B 362 22.05 3.64 -14.22
N GLY B 363 20.84 3.19 -13.93
CA GLY B 363 20.62 1.82 -13.46
C GLY B 363 20.27 1.76 -11.99
N ASN B 364 20.98 2.56 -11.18
CA ASN B 364 20.75 2.70 -9.73
C ASN B 364 20.81 1.32 -9.07
N GLU B 365 19.82 0.97 -8.23
CA GLU B 365 19.87 -0.25 -7.44
C GLU B 365 20.00 -1.47 -8.35
N TRP B 366 20.52 -2.56 -7.80
CA TRP B 366 20.90 -3.69 -8.62
C TRP B 366 19.91 -4.85 -8.58
N GLY B 367 19.00 -4.87 -7.61
CA GLY B 367 17.88 -5.78 -7.65
C GLY B 367 16.73 -5.21 -8.48
N TYR B 368 15.61 -5.92 -8.44
CA TYR B 368 14.42 -5.42 -9.15
C TYR B 368 13.56 -4.60 -8.18
N GLY B 369 14.05 -3.39 -7.88
CA GLY B 369 13.43 -2.57 -6.87
C GLY B 369 12.78 -1.28 -7.31
N SER B 370 12.81 -1.01 -8.62
CA SER B 370 12.28 0.24 -9.14
C SER B 370 12.22 0.07 -10.64
N VAL B 371 11.52 1.00 -11.30
CA VAL B 371 11.44 0.96 -12.76
C VAL B 371 12.82 1.12 -13.37
N GLU B 372 13.68 1.97 -12.77
CA GLU B 372 15.02 2.11 -13.33
C GLU B 372 15.84 0.83 -13.14
N SER B 373 15.73 0.22 -11.95
CA SER B 373 16.48 -1.00 -11.67
C SER B 373 16.17 -2.06 -12.70
N ILE B 375 14.92 -1.71 -15.88
CA ILE B 375 15.57 -1.38 -17.13
C ILE B 375 17.07 -1.68 -17.02
N GLY B 376 17.66 -1.36 -15.87
CA GLY B 376 19.08 -1.60 -15.66
C GLY B 376 19.47 -3.06 -15.63
N ASN B 377 18.51 -3.96 -15.49
CA ASN B 377 18.80 -5.39 -15.50
C ASN B 377 18.33 -6.09 -16.76
N ASN B 378 17.42 -5.48 -17.52
CA ASN B 378 16.90 -6.04 -18.75
C ASN B 378 17.56 -5.45 -19.97
N SER B 379 18.58 -4.60 -19.79
CA SER B 379 19.14 -3.90 -20.93
C SER B 379 20.62 -3.64 -20.73
N SER B 380 21.25 -3.16 -21.81
CA SER B 380 22.65 -2.79 -21.82
C SER B 380 22.90 -1.36 -21.32
N ILE B 381 21.88 -0.74 -20.73
CA ILE B 381 21.98 0.68 -20.37
C ILE B 381 23.11 0.91 -19.38
N ARG B 382 23.39 -0.07 -18.51
CA ARG B 382 24.51 0.06 -17.59
C ARG B 382 25.85 0.09 -18.33
N PHE B 383 25.94 -0.58 -19.49
CA PHE B 383 27.15 -0.49 -20.31
C PHE B 383 27.20 0.80 -21.11
N ASP B 384 26.03 1.35 -21.47
CA ASP B 384 25.94 2.45 -22.42
C ASP B 384 25.86 3.82 -21.79
N GLN B 385 25.36 3.96 -20.57
CA GLN B 385 25.14 5.27 -20.01
C GLN B 385 25.90 5.50 -18.71
N VAL B 386 26.82 4.61 -18.34
CA VAL B 386 27.68 4.80 -17.17
C VAL B 386 29.08 5.09 -17.68
N HIS B 387 29.66 6.22 -17.26
CA HIS B 387 30.96 6.59 -17.81
C HIS B 387 32.06 5.57 -17.54
N HIS B 388 31.92 4.73 -16.49
CA HIS B 388 32.94 3.74 -16.20
C HIS B 388 33.10 2.72 -17.32
N ASN B 390 31.68 3.28 -20.69
CA ASN B 390 31.58 3.95 -21.99
C ASN B 390 31.99 5.39 -21.82
N PRO B 391 33.30 5.69 -21.93
CA PRO B 391 33.76 7.07 -21.77
C PRO B 391 33.34 8.01 -22.90
N LEU B 392 32.71 7.48 -23.96
CA LEU B 392 32.18 8.32 -25.03
C LEU B 392 31.14 9.31 -24.53
N ILE B 393 30.51 9.06 -23.38
CA ILE B 393 29.46 9.95 -22.93
C ILE B 393 30.01 11.28 -22.42
N LEU B 394 31.30 11.35 -22.09
CA LEU B 394 31.93 12.60 -21.71
C LEU B 394 32.51 13.35 -22.92
N ASP B 395 32.57 12.70 -24.06
CA ASP B 395 33.18 13.28 -25.25
C ASP B 395 32.26 14.36 -25.83
N PRO B 396 32.72 15.60 -25.99
CA PRO B 396 31.81 16.67 -26.44
C PRO B 396 31.20 16.39 -27.79
N SER B 397 31.78 15.47 -28.57
CA SER B 397 31.19 15.04 -29.82
C SER B 397 29.88 14.30 -29.62
N HIS B 398 29.61 13.82 -28.41
CA HIS B 398 28.37 13.11 -28.13
C HIS B 398 27.36 13.97 -27.40
N HIS B 399 27.67 15.24 -27.15
CA HIS B 399 26.72 16.15 -26.52
C HIS B 399 25.94 16.93 -27.57
N VAL B 400 24.63 17.05 -27.34
CA VAL B 400 23.76 17.88 -28.15
C VAL B 400 23.31 19.03 -27.25
N GLU B 401 23.64 20.25 -27.62
CA GLU B 401 23.19 21.40 -26.86
C GLU B 401 21.81 21.80 -27.33
N ALA B 402 20.96 22.17 -26.38
CA ALA B 402 19.57 22.50 -26.68
C ALA B 402 19.22 23.86 -26.10
N GLN B 403 18.55 24.70 -26.89
CA GLN B 403 18.06 25.99 -26.43
C GLN B 403 16.55 26.02 -26.60
N ILE B 404 15.85 26.33 -25.51
CA ILE B 404 14.39 26.34 -25.47
C ILE B 404 13.92 27.79 -25.57
N ASN B 405 13.22 28.11 -26.65
CA ASN B 405 12.74 29.46 -26.89
C ASN B 405 11.51 29.74 -26.01
N LYS B 406 10.90 30.91 -26.21
CA LYS B 406 9.74 31.27 -25.40
C LYS B 406 8.49 30.50 -25.81
N ASP B 407 8.43 30.02 -27.06
CA ASP B 407 7.32 29.19 -27.54
C ASP B 407 7.51 27.72 -27.23
N HIS B 408 8.53 27.38 -26.43
CA HIS B 408 8.87 26.01 -26.06
C HIS B 408 9.27 25.16 -27.26
N GLY B 409 9.62 25.82 -28.37
CA GLY B 409 10.36 25.14 -29.42
C GLY B 409 11.82 25.01 -29.06
N VAL B 410 12.43 23.93 -29.51
CA VAL B 410 13.78 23.55 -29.09
C VAL B 410 14.67 23.50 -30.30
N GLU B 411 15.80 24.20 -30.22
CA GLU B 411 16.83 24.19 -31.25
C GLU B 411 17.98 23.33 -30.76
N LEU B 412 18.33 22.31 -31.53
CA LEU B 412 19.42 21.41 -31.18
C LEU B 412 20.59 21.69 -32.13
N THR B 413 21.73 22.02 -31.56
CA THR B 413 22.95 22.18 -32.35
C THR B 413 23.86 21.06 -31.87
N VAL B 414 24.30 20.21 -32.80
CA VAL B 414 25.06 19.02 -32.40
C VAL B 414 26.52 19.43 -32.22
N ASN B 415 26.95 19.48 -30.96
CA ASN B 415 28.27 19.92 -30.48
C ASN B 415 28.20 20.23 -28.98
#